data_1RG1
#
_entry.id   1RG1
#
_cell.length_a   49.800
_cell.length_b   104.711
_cell.length_c   193.751
_cell.angle_alpha   90.00
_cell.angle_beta   90.00
_cell.angle_gamma   90.00
#
_symmetry.space_group_name_H-M   'P 21 21 21'
#
loop_
_entity.id
_entity.type
_entity.pdbx_description
1 polymer "5'-D(*AP*GP*TP*T)-3'"
2 polymer 'Tyrosyl-DNA phosphodiesterase 1'
3 non-polymer 'VANADATE ION'
4 non-polymer SPERMINE
5 non-polymer 4-(2S-AMINO-1-HYDROXYETHYL)PHENOL
6 water water
#
loop_
_entity_poly.entity_id
_entity_poly.type
_entity_poly.pdbx_seq_one_letter_code
_entity_poly.pdbx_strand_id
1 'polydeoxyribonucleotide' (DA)(DG)(DT)(DT) D,F
2 'polypeptide(L)'
;MGSSHHHHHHSSGLVPRGSHMLEDPGEGQDIWDMLDKGNPFQFYLTRVSGVKPKYNSGALHIKDILSPLFGTLVSSAQFN
YCFDVDWLVKQYPPEFRKKPILLVHGDKREAKAHLHAQAKPYENISLCQAKLDIAFGTHHTKMMLLLYEEGLRVVIHTSN
LIHADWHQKTQGIWLSPLYPRIADGTHKSGESPTHFKANLISYLTAYNAPSLKEWIDVIHKHDLSETNVYLIGSTPGRFQ
GSQKDNWGHFRLKKLLKDHASSMPNAESWPVVGQFSSVGSLGADESKWLCSEFKESMLTLGKESKTPGKSSVPLYLIYPS
VENVRTSLEGYPAGGSLPYSIQTAEKQNWLHSYFHKWSAETSGRSNAMPHIKTYMRPSPDFSKIAWFLVTSANLSKAAWG
ALEKNGTQLMIRSYELGVLFLPSALGLDSFKVKQKFFAGSQEPMATFPVPYDLPPELYGSKDRPWIWNIPYVKAPDTHGN
MWVPS
;
A,B
#
loop_
_chem_comp.id
_chem_comp.type
_chem_comp.name
_chem_comp.formula
DA DNA linking 2'-DEOXYADENOSINE-5'-MONOPHOSPHATE 'C10 H14 N5 O6 P'
DG DNA linking 2'-DEOXYGUANOSINE-5'-MONOPHOSPHATE 'C10 H14 N5 O7 P'
DT DNA linking THYMIDINE-5'-MONOPHOSPHATE 'C10 H15 N2 O8 P'
OTS non-polymer 4-(2S-AMINO-1-HYDROXYETHYL)PHENOL 'C8 H11 N O2'
SPM non-polymer SPERMINE 'C10 H26 N4'
VO4 non-polymer 'VANADATE ION' 'O4 V -3'
#
# COMPACT_ATOMS: atom_id res chain seq x y z
N ASN C 39 -6.88 -19.40 -10.53
CA ASN C 39 -6.33 -19.80 -9.20
C ASN C 39 -5.59 -18.63 -8.56
N PRO C 40 -6.27 -17.86 -7.72
CA PRO C 40 -5.68 -16.62 -7.22
C PRO C 40 -4.63 -16.88 -6.17
N PHE C 41 -4.64 -18.07 -5.56
CA PHE C 41 -3.85 -18.32 -4.35
C PHE C 41 -2.44 -18.81 -4.61
N GLN C 42 -2.29 -19.65 -5.64
CA GLN C 42 -1.02 -20.25 -5.98
C GLN C 42 -0.39 -20.93 -4.76
N PHE C 43 -1.25 -21.53 -3.93
CA PHE C 43 -0.82 -22.27 -2.76
C PHE C 43 -0.85 -23.76 -3.13
N TYR C 44 0.29 -24.43 -2.95
CA TYR C 44 0.43 -25.85 -3.33
C TYR C 44 1.01 -26.68 -2.18
N LEU C 45 0.75 -27.98 -2.22
CA LEU C 45 1.43 -28.93 -1.36
C LEU C 45 2.50 -29.65 -2.18
N THR C 46 3.55 -30.17 -1.50
CA THR C 46 4.56 -30.99 -2.18
C THR C 46 3.99 -32.36 -2.55
N ARG C 47 4.54 -33.01 -3.58
CA ARG C 47 4.16 -34.40 -3.91
C ARG C 47 4.52 -35.30 -2.75
N VAL C 48 3.65 -36.27 -2.50
CA VAL C 48 3.89 -37.28 -1.50
C VAL C 48 3.99 -38.61 -2.25
N SER C 49 5.10 -39.29 -2.09
CA SER C 49 5.27 -40.49 -2.86
C SER C 49 4.57 -41.63 -2.11
N GLY C 50 3.80 -42.43 -2.83
CA GLY C 50 3.16 -43.57 -2.20
C GLY C 50 1.73 -43.30 -1.77
N VAL C 51 1.13 -42.22 -2.28
CA VAL C 51 -0.32 -42.03 -2.19
C VAL C 51 -0.86 -42.15 -3.59
N LYS C 52 -2.16 -42.37 -3.72
CA LYS C 52 -2.78 -42.48 -5.04
C LYS C 52 -2.51 -41.21 -5.86
N PRO C 53 -2.23 -41.37 -7.15
CA PRO C 53 -1.86 -40.25 -8.02
C PRO C 53 -2.85 -39.09 -7.99
N LYS C 54 -4.11 -39.38 -7.63
CA LYS C 54 -5.10 -38.34 -7.54
C LYS C 54 -4.77 -37.32 -6.44
N TYR C 55 -4.02 -37.76 -5.43
CA TYR C 55 -3.73 -36.91 -4.30
C TYR C 55 -2.50 -36.07 -4.60
N ASN C 56 -1.85 -36.38 -5.72
CA ASN C 56 -0.70 -35.63 -6.19
C ASN C 56 -0.98 -34.79 -7.44
N SER C 57 -2.26 -34.68 -7.80
CA SER C 57 -2.59 -33.98 -9.06
C SER C 57 -2.18 -32.52 -9.10
N GLY C 58 -2.59 -31.74 -8.10
CA GLY C 58 -2.13 -30.36 -8.01
C GLY C 58 -0.94 -30.19 -7.06
N ALA C 59 -0.05 -31.18 -7.00
CA ALA C 59 1.05 -31.09 -6.06
C ALA C 59 2.35 -30.91 -6.81
N LEU C 60 3.34 -30.33 -6.17
CA LEU C 60 4.59 -29.99 -6.85
C LEU C 60 5.76 -30.61 -6.12
N HIS C 61 6.68 -31.19 -6.88
CA HIS C 61 7.96 -31.61 -6.34
C HIS C 61 8.93 -30.50 -6.70
N ILE C 62 10.05 -30.42 -6.01
CA ILE C 62 11.05 -29.42 -6.33
C ILE C 62 11.48 -29.49 -7.80
N LYS C 63 11.52 -30.68 -8.39
CA LYS C 63 11.88 -30.81 -9.81
C LYS C 63 10.92 -30.06 -10.71
N ASP C 64 9.63 -30.08 -10.36
CA ASP C 64 8.63 -29.36 -11.13
C ASP C 64 8.83 -27.86 -10.97
N ILE C 65 9.19 -27.42 -9.76
CA ILE C 65 9.41 -26.01 -9.51
C ILE C 65 10.59 -25.46 -10.32
N LEU C 66 11.62 -26.29 -10.53
CA LEU C 66 12.85 -25.83 -11.16
C LEU C 66 12.87 -26.14 -12.64
N SER C 67 11.80 -26.76 -13.13
CA SER C 67 11.73 -27.23 -14.51
C SER C 67 11.72 -26.08 -15.52
N PRO C 68 12.07 -26.39 -16.76
CA PRO C 68 12.13 -25.37 -17.84
C PRO C 68 10.77 -24.84 -18.22
N LEU C 69 9.71 -25.58 -17.91
CA LEU C 69 8.37 -25.06 -18.14
C LEU C 69 8.12 -23.78 -17.32
N PHE C 70 8.88 -23.58 -16.24
CA PHE C 70 8.66 -22.46 -15.33
C PHE C 70 9.48 -21.24 -15.74
N GLY C 71 10.40 -21.43 -16.67
CA GLY C 71 11.26 -20.35 -17.11
C GLY C 71 12.66 -20.84 -17.44
N THR C 72 13.40 -19.99 -18.15
CA THR C 72 14.77 -20.31 -18.58
C THR C 72 15.79 -19.80 -17.59
N LEU C 73 16.23 -20.71 -16.72
CA LEU C 73 16.99 -20.30 -15.55
C LEU C 73 18.32 -19.67 -15.90
N VAL C 74 18.69 -18.66 -15.12
CA VAL C 74 19.89 -17.87 -15.31
C VAL C 74 20.69 -17.80 -14.01
N SER C 75 19.99 -17.80 -12.87
CA SER C 75 20.63 -17.72 -11.57
C SER C 75 19.60 -18.00 -10.48
N SER C 76 20.04 -18.45 -9.31
CA SER C 76 19.06 -18.69 -8.26
C SER C 76 19.64 -18.52 -6.88
N ALA C 77 18.79 -18.23 -5.91
CA ALA C 77 19.22 -18.21 -4.51
C ALA C 77 18.33 -19.14 -3.68
N GLN C 78 18.95 -20.00 -2.89
CA GLN C 78 18.20 -20.94 -2.10
C GLN C 78 18.45 -20.66 -0.64
N PHE C 79 17.46 -20.05 0.01
CA PHE C 79 17.48 -19.76 1.44
C PHE C 79 16.87 -20.97 2.12
N ASN C 80 17.53 -21.45 3.16
CA ASN C 80 17.01 -22.55 3.90
C ASN C 80 17.77 -22.81 5.19
N TYR C 81 17.36 -23.87 5.88
CA TYR C 81 17.95 -24.29 7.14
C TYR C 81 18.90 -25.47 6.89
N CYS C 82 18.36 -26.61 6.43
CA CYS C 82 19.20 -27.77 6.13
C CYS C 82 19.37 -28.00 4.64
N PHE C 83 20.59 -28.33 4.24
CA PHE C 83 20.92 -28.53 2.84
C PHE C 83 21.62 -29.86 2.61
N ASP C 84 21.22 -30.55 1.54
CA ASP C 84 21.97 -31.66 0.99
C ASP C 84 22.35 -31.20 -0.41
N VAL C 85 23.57 -30.68 -0.54
CA VAL C 85 23.99 -30.04 -1.78
C VAL C 85 23.96 -30.97 -2.99
N ASP C 86 24.42 -32.21 -2.81
CA ASP C 86 24.43 -33.18 -3.92
C ASP C 86 23.02 -33.41 -4.38
N TRP C 87 22.13 -33.69 -3.43
CA TRP C 87 20.72 -33.87 -3.79
C TRP C 87 20.17 -32.63 -4.46
N LEU C 88 20.49 -31.46 -3.91
CA LEU C 88 19.89 -30.20 -4.37
C LEU C 88 20.21 -29.98 -5.84
N VAL C 89 21.49 -30.09 -6.17
CA VAL C 89 21.94 -29.83 -7.53
C VAL C 89 21.21 -30.76 -8.50
N LYS C 90 20.95 -32.00 -8.09
CA LYS C 90 20.26 -32.96 -8.96
C LYS C 90 18.80 -32.62 -9.22
N GLN C 91 18.20 -31.81 -8.34
CA GLN C 91 16.82 -31.39 -8.55
C GLN C 91 16.71 -30.38 -9.69
N TYR C 92 17.80 -29.69 -9.98
CA TYR C 92 17.81 -28.75 -11.11
C TYR C 92 17.88 -29.58 -12.39
N PRO C 93 17.22 -29.14 -13.46
CA PRO C 93 17.35 -29.82 -14.75
C PRO C 93 18.81 -29.73 -15.24
N PRO C 94 19.27 -30.78 -15.90
CA PRO C 94 20.65 -30.86 -16.36
C PRO C 94 21.11 -29.58 -17.04
N GLU C 95 20.30 -29.08 -17.97
CA GLU C 95 20.65 -27.85 -18.68
C GLU C 95 20.85 -26.65 -17.75
N PHE C 96 20.24 -26.68 -16.55
CA PHE C 96 20.34 -25.54 -15.63
C PHE C 96 21.34 -25.78 -14.50
N ARG C 97 21.85 -27.01 -14.40
CA ARG C 97 22.67 -27.40 -13.25
C ARG C 97 23.96 -26.62 -13.08
N LYS C 98 24.40 -25.90 -14.10
CA LYS C 98 25.68 -25.18 -14.02
C LYS C 98 25.51 -23.67 -13.81
N LYS C 99 24.25 -23.20 -13.85
CA LYS C 99 23.94 -21.82 -13.52
C LYS C 99 24.26 -21.54 -12.05
N PRO C 100 24.63 -20.30 -11.76
CA PRO C 100 25.02 -19.91 -10.40
C PRO C 100 23.93 -20.20 -9.39
N ILE C 101 24.32 -20.72 -8.23
CA ILE C 101 23.39 -20.94 -7.15
C ILE C 101 23.98 -20.35 -5.89
N LEU C 102 23.23 -19.48 -5.22
CA LEU C 102 23.62 -19.03 -3.89
C LEU C 102 22.84 -19.79 -2.78
N LEU C 103 23.57 -20.35 -1.82
CA LEU C 103 22.93 -20.96 -0.64
C LEU C 103 22.98 -19.99 0.50
N VAL C 104 21.81 -19.61 1.04
CA VAL C 104 21.78 -18.73 2.20
C VAL C 104 21.39 -19.55 3.41
N HIS C 105 22.31 -19.69 4.36
CA HIS C 105 22.17 -20.59 5.48
C HIS C 105 22.63 -19.83 6.72
N GLY C 106 22.51 -20.48 7.88
CA GLY C 106 22.95 -19.88 9.12
C GLY C 106 23.98 -20.74 9.86
N ASP C 107 24.60 -21.68 9.14
CA ASP C 107 25.53 -22.60 9.82
C ASP C 107 26.80 -21.91 10.32
N LYS C 108 27.35 -22.43 11.42
CA LYS C 108 28.60 -21.95 12.00
C LYS C 108 29.60 -23.07 12.35
N ARG C 109 30.86 -22.66 12.51
CA ARG C 109 31.93 -23.59 12.92
C ARG C 109 32.02 -24.83 12.07
N GLU C 110 31.85 -25.98 12.71
CA GLU C 110 32.06 -27.26 12.04
C GLU C 110 30.94 -27.51 11.03
N ALA C 111 29.72 -27.08 11.38
CA ALA C 111 28.58 -27.21 10.46
C ALA C 111 28.79 -26.35 9.21
N LYS C 112 29.21 -25.10 9.39
CA LYS C 112 29.60 -24.28 8.25
C LYS C 112 30.69 -24.97 7.41
N ALA C 113 31.71 -25.48 8.11
CA ALA C 113 32.75 -26.26 7.42
C ALA C 113 32.14 -27.36 6.55
N HIS C 114 31.23 -28.14 7.13
CA HIS C 114 30.63 -29.24 6.40
C HIS C 114 29.89 -28.76 5.15
N LEU C 115 29.07 -27.72 5.32
CA LEU C 115 28.33 -27.14 4.21
C LEU C 115 29.28 -26.71 3.08
N HIS C 116 30.31 -25.96 3.43
CA HIS C 116 31.28 -25.50 2.43
C HIS C 116 31.89 -26.71 1.74
N ALA C 117 32.22 -27.72 2.55
CA ALA C 117 32.73 -28.98 2.02
C ALA C 117 31.75 -29.59 1.01
N GLN C 118 30.46 -29.65 1.37
CA GLN C 118 29.46 -30.18 0.44
C GLN C 118 29.47 -29.40 -0.88
N ALA C 119 29.72 -28.10 -0.80
CA ALA C 119 29.54 -27.21 -1.97
C ALA C 119 30.76 -27.12 -2.90
N LYS C 120 31.95 -27.18 -2.31
CA LYS C 120 33.23 -27.11 -3.03
C LYS C 120 33.31 -27.76 -4.43
N PRO C 121 32.82 -28.99 -4.57
CA PRO C 121 32.83 -29.68 -5.87
C PRO C 121 32.05 -28.96 -6.98
N TYR C 122 31.29 -27.94 -6.58
CA TYR C 122 30.37 -27.27 -7.49
C TYR C 122 30.82 -25.83 -7.66
N GLU C 123 31.51 -25.59 -8.77
CA GLU C 123 32.11 -24.28 -9.05
C GLU C 123 31.06 -23.16 -9.01
N ASN C 124 29.87 -23.47 -9.54
CA ASN C 124 28.77 -22.52 -9.68
C ASN C 124 28.02 -22.18 -8.38
N ILE C 125 28.40 -22.78 -7.26
CA ILE C 125 27.70 -22.52 -6.00
C ILE C 125 28.47 -21.58 -5.08
N SER C 126 27.79 -20.56 -4.56
CA SER C 126 28.35 -19.71 -3.50
C SER C 126 27.51 -19.84 -2.23
N LEU C 127 28.07 -19.41 -1.10
CA LEU C 127 27.35 -19.42 0.17
C LEU C 127 27.29 -18.05 0.80
N CYS C 128 26.22 -17.83 1.55
CA CYS C 128 26.06 -16.63 2.36
C CYS C 128 25.67 -17.02 3.78
N GLN C 129 26.55 -16.79 4.74
CA GLN C 129 26.24 -17.11 6.12
C GLN C 129 25.47 -15.95 6.72
N ALA C 130 24.22 -16.21 7.09
CA ALA C 130 23.37 -15.19 7.69
C ALA C 130 23.77 -15.01 9.13
N LYS C 131 24.08 -13.79 9.52
CA LYS C 131 24.53 -13.55 10.88
C LYS C 131 23.42 -14.00 11.82
N LEU C 132 23.81 -14.74 12.85
CA LEU C 132 22.88 -15.13 13.90
C LEU C 132 23.45 -14.65 15.25
N ASP C 133 23.28 -13.37 15.53
CA ASP C 133 23.95 -12.80 16.69
C ASP C 133 23.30 -13.15 18.01
N ILE C 134 22.13 -13.76 17.96
CA ILE C 134 21.43 -14.11 19.20
C ILE C 134 21.38 -15.63 19.37
N ALA C 135 21.65 -16.10 20.59
CA ALA C 135 21.75 -17.53 20.84
C ALA C 135 20.41 -18.25 20.61
N PHE C 136 20.49 -19.47 20.10
CA PHE C 136 19.32 -20.30 19.81
C PHE C 136 18.51 -19.77 18.64
N GLY C 137 19.10 -18.89 17.85
CA GLY C 137 18.49 -18.48 16.62
C GLY C 137 18.86 -19.48 15.54
N THR C 138 18.01 -19.57 14.52
CA THR C 138 18.33 -20.36 13.36
C THR C 138 17.96 -19.53 12.14
N HIS C 139 18.60 -19.82 11.02
CA HIS C 139 18.16 -19.23 9.76
C HIS C 139 17.15 -20.19 9.14
N HIS C 140 15.88 -19.98 9.48
CA HIS C 140 14.88 -21.01 9.25
C HIS C 140 14.03 -20.79 8.00
N THR C 141 14.13 -19.61 7.41
CA THR C 141 13.38 -19.23 6.22
C THR C 141 13.62 -20.23 5.08
N LYS C 142 12.53 -20.61 4.39
CA LYS C 142 12.66 -21.36 3.15
C LYS C 142 12.15 -20.58 1.97
N MET C 143 13.08 -20.17 1.10
CA MET C 143 12.71 -19.34 -0.02
C MET C 143 13.61 -19.60 -1.21
N MET C 144 13.05 -19.57 -2.40
CA MET C 144 13.84 -19.60 -3.63
C MET C 144 13.69 -18.25 -4.36
N LEU C 145 14.81 -17.69 -4.82
CA LEU C 145 14.73 -16.59 -5.77
C LEU C 145 15.24 -17.15 -7.11
N LEU C 146 14.41 -17.06 -8.13
CA LEU C 146 14.67 -17.72 -9.41
C LEU C 146 14.71 -16.73 -10.57
N LEU C 147 15.91 -16.35 -10.99
CA LEU C 147 16.07 -15.40 -12.09
C LEU C 147 16.14 -16.10 -13.45
N TYR C 148 15.21 -15.75 -14.33
CA TYR C 148 15.14 -16.31 -15.66
C TYR C 148 15.42 -15.26 -16.72
N GLU C 149 15.61 -15.71 -17.95
CA GLU C 149 15.70 -14.82 -19.10
C GLU C 149 14.41 -13.98 -19.20
N GLU C 150 13.29 -14.59 -18.84
CA GLU C 150 11.96 -13.99 -19.03
C GLU C 150 11.42 -13.19 -17.85
N GLY C 151 12.14 -13.20 -16.74
CA GLY C 151 11.69 -12.52 -15.54
C GLY C 151 12.20 -13.17 -14.27
N LEU C 152 11.44 -13.01 -13.18
CA LEU C 152 11.84 -13.39 -11.83
C LEU C 152 10.70 -14.13 -11.11
N ARG C 153 11.05 -15.20 -10.39
CA ARG C 153 10.07 -15.90 -9.59
C ARG C 153 10.54 -16.02 -8.15
N VAL C 154 9.60 -15.87 -7.23
CA VAL C 154 9.87 -16.00 -5.80
C VAL C 154 9.05 -17.14 -5.23
N VAL C 155 9.69 -18.02 -4.47
CA VAL C 155 9.00 -19.18 -3.94
C VAL C 155 9.20 -19.19 -2.46
N ILE C 156 8.10 -19.20 -1.73
CA ILE C 156 8.19 -19.26 -0.29
C ILE C 156 7.48 -20.52 0.18
N HIS C 157 8.20 -21.35 0.90
CA HIS C 157 7.70 -22.70 1.14
C HIS C 157 8.18 -23.17 2.52
N THR C 158 8.06 -24.46 2.80
CA THR C 158 8.32 -24.91 4.17
C THR C 158 9.34 -26.05 4.24
N SER C 159 9.90 -26.44 3.11
CA SER C 159 10.72 -27.65 3.05
C SER C 159 12.20 -27.38 3.11
N ASN C 160 12.95 -28.22 3.85
CA ASN C 160 14.40 -28.17 3.79
C ASN C 160 14.85 -28.74 2.47
N LEU C 161 16.08 -28.40 2.07
CA LEU C 161 16.59 -28.93 0.81
C LEU C 161 17.32 -30.26 1.04
N ILE C 162 16.53 -31.29 1.35
CA ILE C 162 17.03 -32.63 1.59
C ILE C 162 15.92 -33.55 1.11
N HIS C 163 16.31 -34.73 0.62
CA HIS C 163 15.36 -35.65 0.02
C HIS C 163 14.13 -35.92 0.87
N ALA C 164 14.33 -36.27 2.14
CA ALA C 164 13.20 -36.73 2.95
C ALA C 164 12.11 -35.66 3.19
N ASP C 165 12.46 -34.38 3.03
CA ASP C 165 11.50 -33.34 3.33
C ASP C 165 10.52 -33.20 2.18
N TRP C 166 10.88 -33.77 1.03
CA TRP C 166 10.08 -33.69 -0.18
C TRP C 166 9.52 -35.04 -0.57
N HIS C 167 9.63 -36.03 0.31
CA HIS C 167 9.27 -37.41 -0.03
C HIS C 167 7.88 -37.80 0.49
N GLN C 168 7.73 -37.90 1.81
CA GLN C 168 6.45 -38.32 2.39
C GLN C 168 5.88 -37.43 3.50
N LYS C 169 6.20 -36.14 3.42
CA LYS C 169 5.75 -35.12 4.36
C LYS C 169 4.68 -34.24 3.71
N THR C 170 3.80 -33.70 4.53
CA THR C 170 2.96 -32.58 4.10
C THR C 170 3.73 -31.29 4.26
N GLN C 171 3.96 -30.64 3.13
CA GLN C 171 4.69 -29.37 3.05
C GLN C 171 3.89 -28.40 2.19
N GLY C 172 4.06 -27.09 2.42
CA GLY C 172 3.39 -26.05 1.66
C GLY C 172 4.30 -25.18 0.81
N ILE C 173 3.76 -24.72 -0.32
CA ILE C 173 4.50 -23.88 -1.27
C ILE C 173 3.61 -22.72 -1.72
N TRP C 174 4.17 -21.52 -1.76
CA TRP C 174 3.55 -20.40 -2.47
C TRP C 174 4.40 -20.02 -3.66
N LEU C 175 3.81 -19.97 -4.84
CA LEU C 175 4.53 -19.62 -6.05
C LEU C 175 4.18 -18.22 -6.49
N SER C 176 5.12 -17.29 -6.50
CA SER C 176 4.81 -15.97 -7.04
C SER C 176 4.46 -16.14 -8.51
N PRO C 177 3.87 -15.13 -9.13
CA PRO C 177 3.76 -15.13 -10.59
C PRO C 177 5.12 -14.88 -11.22
N LEU C 178 5.23 -15.05 -12.53
CA LEU C 178 6.45 -14.63 -13.25
C LEU C 178 6.46 -13.11 -13.31
N TYR C 179 7.41 -12.51 -12.60
CA TYR C 179 7.50 -11.06 -12.51
C TYR C 179 8.33 -10.58 -13.69
N PRO C 180 7.75 -9.78 -14.58
CA PRO C 180 8.49 -9.27 -15.73
C PRO C 180 9.55 -8.26 -15.32
N ARG C 181 10.56 -8.09 -16.16
CA ARG C 181 11.53 -7.02 -15.99
C ARG C 181 10.89 -5.68 -16.35
N ILE C 182 11.23 -4.62 -15.63
CA ILE C 182 10.63 -3.32 -15.92
C ILE C 182 11.24 -2.76 -17.21
N ALA C 183 10.39 -2.44 -18.19
CA ALA C 183 10.88 -1.85 -19.44
C ALA C 183 12.00 -0.88 -19.08
N ASP C 184 13.24 -1.26 -19.37
CA ASP C 184 14.41 -0.44 -19.03
C ASP C 184 14.36 0.97 -19.63
N GLY C 185 13.18 1.38 -20.10
CA GLY C 185 12.95 2.73 -20.55
C GLY C 185 11.72 3.37 -19.89
N THR C 186 11.29 2.83 -18.74
CA THR C 186 10.15 3.41 -18.04
C THR C 186 10.38 3.63 -16.53
N HIS C 187 9.63 4.58 -16.00
CA HIS C 187 9.75 4.93 -14.59
C HIS C 187 8.57 4.35 -13.83
N LYS C 188 8.82 3.28 -13.08
CA LYS C 188 7.77 2.71 -12.24
C LYS C 188 8.30 1.95 -11.03
N SER C 189 7.50 1.91 -9.97
CA SER C 189 7.92 1.27 -8.73
C SER C 189 7.94 -0.25 -8.87
N GLY C 190 7.05 -0.79 -9.70
CA GLY C 190 6.84 -2.23 -9.76
C GLY C 190 6.24 -2.79 -8.49
N GLU C 191 5.62 -1.94 -7.68
CA GLU C 191 5.11 -2.34 -6.37
C GLU C 191 3.67 -2.83 -6.44
N SER C 192 3.29 -3.70 -5.50
CA SER C 192 1.91 -4.16 -5.42
C SER C 192 1.15 -3.46 -4.32
N PRO C 193 -0.19 -3.50 -4.38
CA PRO C 193 -1.02 -2.98 -3.30
C PRO C 193 -0.67 -3.57 -1.94
N THR C 194 -0.08 -4.76 -1.89
CA THR C 194 0.31 -5.36 -0.61
C THR C 194 1.74 -4.96 -0.16
N HIS C 195 2.41 -4.13 -0.97
CA HIS C 195 3.76 -3.67 -0.66
C HIS C 195 4.77 -4.81 -0.56
N PHE C 196 4.49 -5.90 -1.27
CA PHE C 196 5.33 -7.09 -1.25
C PHE C 196 6.78 -6.78 -1.65
N LYS C 197 6.95 -6.00 -2.71
CA LYS C 197 8.27 -5.71 -3.26
C LYS C 197 9.19 -5.01 -2.25
N ALA C 198 8.71 -3.91 -1.67
CA ALA C 198 9.44 -3.22 -0.60
C ALA C 198 9.61 -4.05 0.68
N ASN C 199 8.57 -4.80 1.03
CA ASN C 199 8.67 -5.69 2.18
C ASN C 199 9.76 -6.77 2.01
N LEU C 200 9.82 -7.37 0.81
CA LEU C 200 10.86 -8.38 0.50
C LEU C 200 12.25 -7.77 0.51
N ILE C 201 12.38 -6.57 -0.03
CA ILE C 201 13.66 -5.85 -0.01
C ILE C 201 14.11 -5.50 1.40
N SER C 202 13.17 -5.08 2.25
CA SER C 202 13.53 -4.82 3.63
C SER C 202 13.96 -6.12 4.30
N TYR C 203 13.26 -7.21 4.01
CA TYR C 203 13.64 -8.49 4.58
C TYR C 203 15.07 -8.82 4.17
N LEU C 204 15.41 -8.66 2.90
CA LEU C 204 16.74 -9.04 2.49
C LEU C 204 17.78 -8.08 3.03
N THR C 205 17.37 -6.81 3.17
CA THR C 205 18.27 -5.76 3.65
C THR C 205 18.79 -6.03 5.05
N ALA C 206 17.97 -6.68 5.87
CA ALA C 206 18.30 -6.90 7.27
C ALA C 206 19.46 -7.87 7.46
N TYR C 207 19.74 -8.68 6.45
CA TYR C 207 20.86 -9.63 6.53
C TYR C 207 22.18 -8.87 6.53
N ASN C 208 22.15 -7.66 5.96
CA ASN C 208 23.36 -6.91 5.73
C ASN C 208 24.44 -7.71 5.03
N ALA C 209 24.07 -8.41 3.96
CA ALA C 209 24.98 -9.34 3.28
C ALA C 209 25.23 -8.94 1.83
N PRO C 210 26.51 -8.85 1.47
CA PRO C 210 26.90 -8.40 0.12
C PRO C 210 26.28 -9.22 -1.00
N SER C 211 26.24 -10.55 -0.85
CA SER C 211 25.66 -11.40 -1.89
C SER C 211 24.16 -11.15 -2.08
N LEU C 212 23.47 -10.67 -1.05
CA LEU C 212 22.03 -10.44 -1.18
C LEU C 212 21.72 -9.10 -1.85
N LYS C 213 22.60 -8.11 -1.66
CA LYS C 213 22.45 -6.82 -2.29
C LYS C 213 22.23 -7.01 -3.79
N GLU C 214 23.01 -7.88 -4.40
CA GLU C 214 22.80 -8.22 -5.80
C GLU C 214 21.39 -8.73 -6.09
N TRP C 215 20.82 -9.50 -5.17
CA TRP C 215 19.45 -9.99 -5.38
C TRP C 215 18.43 -8.87 -5.13
N ILE C 216 18.76 -7.96 -4.22
CA ILE C 216 17.96 -6.77 -3.94
C ILE C 216 17.89 -5.91 -5.22
N ASP C 217 19.04 -5.68 -5.84
CA ASP C 217 19.09 -4.99 -7.13
C ASP C 217 18.28 -5.67 -8.23
N VAL C 218 18.32 -7.00 -8.29
CA VAL C 218 17.48 -7.75 -9.24
C VAL C 218 16.00 -7.50 -8.96
N ILE C 219 15.60 -7.57 -7.71
CA ILE C 219 14.19 -7.36 -7.36
C ILE C 219 13.79 -5.91 -7.73
N HIS C 220 14.66 -4.95 -7.46
CA HIS C 220 14.41 -3.56 -7.86
C HIS C 220 14.01 -3.47 -9.31
N LYS C 221 14.61 -4.33 -10.13
CA LYS C 221 14.46 -4.21 -11.57
C LYS C 221 13.24 -4.91 -12.10
N HIS C 222 12.49 -5.59 -11.22
CA HIS C 222 11.29 -6.31 -11.69
C HIS C 222 9.98 -5.71 -11.22
N ASP C 223 8.93 -6.01 -11.99
CA ASP C 223 7.57 -5.59 -11.69
C ASP C 223 6.86 -6.62 -10.80
N LEU C 224 6.78 -6.34 -9.52
CA LEU C 224 6.10 -7.25 -8.61
C LEU C 224 4.64 -6.81 -8.32
N SER C 225 4.08 -5.93 -9.14
CA SER C 225 2.78 -5.36 -8.82
C SER C 225 1.60 -6.35 -8.82
N GLU C 226 1.72 -7.48 -9.47
CA GLU C 226 0.60 -8.42 -9.50
C GLU C 226 0.47 -9.24 -8.21
N THR C 227 1.40 -9.06 -7.26
CA THR C 227 1.42 -9.86 -6.04
C THR C 227 0.22 -9.58 -5.17
N ASN C 228 -0.53 -10.62 -4.82
CA ASN C 228 -1.72 -10.42 -4.00
C ASN C 228 -1.59 -10.95 -2.56
N VAL C 229 -0.38 -11.24 -2.10
CA VAL C 229 -0.21 -11.73 -0.73
C VAL C 229 0.64 -10.74 0.06
N TYR C 230 0.54 -10.79 1.39
CA TYR C 230 1.43 -10.01 2.25
C TYR C 230 2.61 -10.85 2.76
N LEU C 231 3.81 -10.26 2.74
CA LEU C 231 5.00 -10.93 3.28
C LEU C 231 5.04 -10.73 4.79
N ILE C 232 5.25 -11.81 5.53
CA ILE C 232 5.43 -11.72 6.99
C ILE C 232 6.76 -12.35 7.32
N GLY C 233 7.74 -11.52 7.69
CA GLY C 233 9.06 -12.01 8.01
C GLY C 233 9.46 -11.93 9.47
N SER C 234 10.41 -12.77 9.86
CA SER C 234 11.05 -12.62 11.15
C SER C 234 12.51 -12.44 10.85
N THR C 235 13.18 -11.67 11.71
CA THR C 235 14.61 -11.47 11.60
C THR C 235 15.20 -11.25 13.01
N PRO C 236 16.45 -11.66 13.25
CA PRO C 236 17.02 -11.58 14.60
C PRO C 236 17.14 -10.13 15.06
N GLY C 237 16.77 -9.83 16.30
CA GLY C 237 16.90 -8.47 16.80
C GLY C 237 16.05 -8.19 18.01
N ARG C 238 16.25 -6.99 18.56
CA ARG C 238 15.42 -6.46 19.64
C ARG C 238 14.88 -5.15 19.11
N PHE C 239 13.58 -5.10 18.90
CA PHE C 239 12.99 -4.01 18.14
C PHE C 239 12.20 -3.10 19.04
N GLN C 240 12.38 -1.78 18.82
CA GLN C 240 11.77 -0.76 19.67
C GLN C 240 10.79 0.07 18.86
N GLY C 241 9.77 0.58 19.55
CA GLY C 241 8.86 1.54 18.97
C GLY C 241 8.29 1.17 17.62
N SER C 242 8.63 1.95 16.61
CA SER C 242 8.07 1.77 15.27
C SER C 242 8.50 0.43 14.67
N GLN C 243 9.66 -0.05 15.09
CA GLN C 243 10.28 -1.25 14.54
C GLN C 243 9.60 -2.54 14.98
N LYS C 244 8.78 -2.46 16.03
CA LYS C 244 8.02 -3.62 16.51
C LYS C 244 7.13 -4.21 15.42
N ASP C 245 6.45 -3.34 14.66
CA ASP C 245 5.47 -3.74 13.64
C ASP C 245 6.10 -4.38 12.41
N ASN C 246 7.41 -4.38 12.33
CA ASN C 246 8.10 -4.81 11.12
C ASN C 246 8.22 -6.35 11.01
N TRP C 247 8.24 -7.03 12.15
CA TRP C 247 8.68 -8.43 12.23
C TRP C 247 7.85 -9.25 13.18
N GLY C 248 7.81 -10.54 12.91
CA GLY C 248 7.17 -11.48 13.81
C GLY C 248 5.67 -11.30 14.03
N HIS C 249 5.22 -11.64 15.22
CA HIS C 249 3.78 -11.61 15.42
C HIS C 249 3.21 -10.18 15.50
N PHE C 250 4.06 -9.19 15.72
CA PHE C 250 3.58 -7.80 15.68
C PHE C 250 3.34 -7.37 14.25
N ARG C 251 4.19 -7.83 13.34
CA ARG C 251 3.95 -7.59 11.93
C ARG C 251 2.58 -8.16 11.55
N LEU C 252 2.28 -9.39 11.98
CA LEU C 252 0.98 -9.99 11.70
C LEU C 252 -0.16 -9.15 12.27
N LYS C 253 -0.01 -8.76 13.53
CA LYS C 253 -1.00 -7.95 14.26
C LYS C 253 -1.28 -6.67 13.51
N LYS C 254 -0.22 -6.03 13.04
CA LYS C 254 -0.31 -4.80 12.26
C LYS C 254 -1.08 -5.01 10.96
N LEU C 255 -0.76 -6.07 10.22
CA LEU C 255 -1.46 -6.32 8.97
C LEU C 255 -2.95 -6.67 9.21
N LEU C 256 -3.24 -7.39 10.28
CA LEU C 256 -4.62 -7.76 10.58
C LEU C 256 -5.47 -6.54 11.01
N LYS C 257 -4.84 -5.63 11.74
CA LYS C 257 -5.46 -4.34 12.07
C LYS C 257 -5.84 -3.57 10.80
N ASP C 258 -4.88 -3.41 9.90
CA ASP C 258 -5.07 -2.48 8.79
C ASP C 258 -5.87 -3.05 7.64
N HIS C 259 -5.92 -4.38 7.53
CA HIS C 259 -6.33 -5.01 6.27
C HIS C 259 -7.37 -6.11 6.37
N ALA C 260 -7.77 -6.44 7.58
CA ALA C 260 -8.96 -7.26 7.75
C ALA C 260 -10.03 -6.35 8.35
N SER C 261 -11.24 -6.87 8.58
CA SER C 261 -12.22 -6.15 9.41
C SER C 261 -13.02 -7.11 10.28
N SER C 262 -13.71 -6.59 11.29
CA SER C 262 -14.35 -7.42 12.31
C SER C 262 -15.69 -7.97 11.86
N MET C 263 -16.35 -8.74 12.74
CA MET C 263 -17.70 -9.26 12.48
C MET C 263 -18.65 -9.10 13.69
N SER C 268 -15.70 -15.08 18.72
CA SER C 268 -15.99 -16.51 18.68
C SER C 268 -15.52 -17.19 17.36
N TRP C 269 -14.80 -16.44 16.53
CA TRP C 269 -14.03 -17.06 15.45
C TRP C 269 -12.74 -17.58 16.10
N PRO C 270 -12.52 -18.88 16.10
CA PRO C 270 -11.31 -19.45 16.71
C PRO C 270 -10.05 -19.08 15.91
N VAL C 271 -8.89 -19.37 16.50
CA VAL C 271 -7.59 -19.23 15.85
C VAL C 271 -7.08 -20.65 15.73
N VAL C 272 -6.43 -20.97 14.62
CA VAL C 272 -5.84 -22.30 14.49
C VAL C 272 -4.36 -22.14 14.21
N GLY C 273 -3.52 -22.84 14.96
CA GLY C 273 -2.09 -22.83 14.73
C GLY C 273 -1.60 -24.23 14.45
N GLN C 274 -0.72 -24.40 13.48
CA GLN C 274 -0.32 -25.73 13.00
C GLN C 274 1.19 -25.72 12.66
N PHE C 275 1.97 -26.64 13.24
CA PHE C 275 3.44 -26.48 13.25
C PHE C 275 4.10 -27.81 13.57
N SER C 276 5.43 -27.84 13.47
CA SER C 276 6.19 -29.07 13.65
C SER C 276 7.26 -28.95 14.72
N SER C 277 7.48 -27.73 15.23
CA SER C 277 8.45 -27.57 16.31
C SER C 277 7.85 -26.69 17.39
N VAL C 278 8.18 -26.97 18.65
CA VAL C 278 7.55 -26.29 19.78
C VAL C 278 8.59 -25.72 20.73
N GLY C 279 8.59 -24.39 20.87
CA GLY C 279 9.56 -23.72 21.74
C GLY C 279 9.15 -23.84 23.19
N SER C 280 9.94 -23.24 24.09
CA SER C 280 9.56 -23.19 25.50
C SER C 280 8.67 -21.97 25.74
N LEU C 281 7.39 -22.21 26.02
CA LEU C 281 6.40 -21.11 25.97
C LEU C 281 6.13 -20.41 27.30
N GLY C 282 6.70 -20.92 28.39
CA GLY C 282 6.47 -20.36 29.70
C GLY C 282 5.72 -21.31 30.61
N ALA C 283 5.66 -20.93 31.88
CA ALA C 283 5.12 -21.77 32.96
C ALA C 283 3.61 -21.97 32.85
N ASP C 284 2.96 -21.17 32.00
CA ASP C 284 1.52 -21.26 31.77
C ASP C 284 1.13 -20.38 30.59
N GLU C 285 -0.12 -20.48 30.15
CA GLU C 285 -0.59 -19.82 28.94
C GLU C 285 -0.51 -18.29 28.94
N SER C 286 -0.43 -17.70 30.14
CA SER C 286 -0.50 -16.25 30.28
C SER C 286 0.87 -15.60 30.12
N LYS C 287 1.89 -16.43 30.04
CA LYS C 287 3.24 -15.90 29.91
C LYS C 287 3.51 -15.40 28.48
N TRP C 288 2.86 -16.02 27.50
CA TRP C 288 3.11 -15.68 26.10
C TRP C 288 2.03 -16.16 25.13
N LEU C 289 1.63 -17.43 25.25
CA LEU C 289 0.72 -18.05 24.28
C LEU C 289 -0.65 -17.36 24.16
N CYS C 290 -1.35 -17.21 25.28
CA CYS C 290 -2.67 -16.60 25.25
C CYS C 290 -2.61 -15.10 25.45
N SER C 291 -1.45 -14.59 25.85
CA SER C 291 -1.33 -13.15 26.07
C SER C 291 -0.91 -12.42 24.78
N GLU C 292 0.39 -12.23 24.57
CA GLU C 292 0.82 -11.48 23.40
C GLU C 292 0.62 -12.20 22.06
N PHE C 293 0.90 -13.50 22.02
CA PHE C 293 0.80 -14.26 20.77
C PHE C 293 -0.62 -14.36 20.24
N LYS C 294 -1.51 -14.98 21.00
CA LYS C 294 -2.91 -15.07 20.59
C LYS C 294 -3.54 -13.69 20.33
N GLU C 295 -3.08 -12.66 21.04
CA GLU C 295 -3.64 -11.32 20.91
C GLU C 295 -3.37 -10.80 19.51
N SER C 296 -2.15 -11.03 19.03
CA SER C 296 -1.79 -10.66 17.67
C SER C 296 -2.69 -11.41 16.71
N MET C 297 -2.85 -12.70 16.97
CA MET C 297 -3.57 -13.61 16.08
C MET C 297 -5.06 -13.34 15.98
N LEU C 298 -5.66 -12.81 17.05
CA LEU C 298 -7.10 -12.61 17.07
C LEU C 298 -7.49 -11.23 16.54
N THR C 299 -6.48 -10.38 16.33
CA THR C 299 -6.69 -9.06 15.77
C THR C 299 -7.45 -9.10 14.44
N LEU C 300 -8.41 -8.18 14.32
CA LEU C 300 -9.21 -8.01 13.12
C LEU C 300 -9.76 -6.59 13.16
N GLY C 301 -9.19 -5.69 12.35
CA GLY C 301 -9.69 -4.33 12.28
C GLY C 301 -9.01 -3.36 13.23
N VAL C 312 -12.04 -16.79 23.08
CA VAL C 312 -11.58 -17.19 21.74
C VAL C 312 -10.79 -18.48 21.82
N PRO C 313 -11.34 -19.55 21.24
CA PRO C 313 -10.74 -20.88 21.30
C PRO C 313 -9.47 -20.94 20.46
N LEU C 314 -8.46 -21.63 20.97
CA LEU C 314 -7.19 -21.77 20.30
C LEU C 314 -7.01 -23.24 19.99
N TYR C 315 -7.01 -23.59 18.70
CA TYR C 315 -6.73 -24.96 18.26
C TYR C 315 -5.28 -25.08 17.77
N LEU C 316 -4.50 -25.92 18.45
CA LEU C 316 -3.13 -26.19 18.03
C LEU C 316 -3.04 -27.60 17.46
N ILE C 317 -2.54 -27.71 16.23
CA ILE C 317 -2.43 -29.00 15.58
C ILE C 317 -0.98 -29.46 15.59
N TYR C 318 -0.73 -30.58 16.29
CA TYR C 318 0.61 -31.11 16.43
C TYR C 318 0.50 -32.64 16.48
N PRO C 319 1.31 -33.37 15.72
CA PRO C 319 1.18 -34.83 15.65
C PRO C 319 1.35 -35.54 17.02
N SER C 320 0.45 -36.50 17.26
CA SER C 320 0.52 -37.35 18.42
C SER C 320 1.50 -38.47 18.10
N VAL C 321 1.94 -39.19 19.12
CA VAL C 321 2.79 -40.36 18.92
C VAL C 321 2.14 -41.33 17.96
N GLU C 322 0.84 -41.53 18.12
CA GLU C 322 0.09 -42.43 17.25
C GLU C 322 0.08 -41.97 15.78
N ASN C 323 -0.10 -40.65 15.54
CA ASN C 323 -0.01 -40.10 14.17
C ASN C 323 1.35 -40.46 13.55
N VAL C 324 2.42 -40.30 14.33
CA VAL C 324 3.77 -40.57 13.81
C VAL C 324 3.96 -42.06 13.57
N ARG C 325 3.60 -42.86 14.58
CA ARG C 325 3.80 -44.31 14.52
C ARG C 325 3.23 -44.94 13.26
N THR C 326 2.02 -44.53 12.87
CA THR C 326 1.33 -45.15 11.73
C THR C 326 1.50 -44.36 10.44
N SER C 327 2.47 -43.44 10.41
CA SER C 327 2.69 -42.62 9.23
C SER C 327 3.39 -43.38 8.11
N LEU C 328 3.48 -42.76 6.94
CA LEU C 328 4.20 -43.37 5.81
C LEU C 328 5.65 -43.62 6.14
N GLU C 329 6.19 -42.80 7.04
CA GLU C 329 7.62 -42.89 7.40
C GLU C 329 7.82 -43.78 8.63
N GLY C 330 6.79 -43.85 9.47
CA GLY C 330 6.90 -44.41 10.80
C GLY C 330 7.60 -43.43 11.74
N TYR C 331 8.27 -43.98 12.74
CA TYR C 331 8.88 -43.15 13.78
C TYR C 331 9.91 -42.13 13.27
N PRO C 332 10.70 -42.46 12.26
CA PRO C 332 11.67 -41.48 11.73
C PRO C 332 11.01 -40.17 11.25
N ALA C 333 9.69 -40.13 11.15
CA ALA C 333 9.02 -38.86 10.90
C ALA C 333 9.30 -37.92 12.08
N GLY C 334 9.39 -38.53 13.26
CA GLY C 334 9.69 -37.79 14.46
C GLY C 334 11.02 -37.06 14.49
N GLY C 335 11.93 -37.40 13.59
CA GLY C 335 13.21 -36.71 13.51
C GLY C 335 12.99 -35.28 13.08
N SER C 336 11.89 -35.04 12.34
CA SER C 336 11.56 -33.70 11.85
C SER C 336 10.45 -33.01 12.68
N LEU C 337 10.12 -33.63 13.82
CA LEU C 337 9.23 -33.06 14.82
C LEU C 337 9.99 -32.98 16.15
N PRO C 338 10.93 -32.03 16.26
CA PRO C 338 11.89 -32.02 17.37
C PRO C 338 11.35 -31.36 18.66
N TYR C 339 10.36 -32.00 19.25
CA TYR C 339 9.83 -31.54 20.53
C TYR C 339 10.52 -32.38 21.59
N SER C 340 11.31 -31.75 22.46
CA SER C 340 12.08 -32.49 23.47
C SER C 340 11.33 -32.65 24.78
N ILE C 341 11.54 -33.78 25.44
CA ILE C 341 10.98 -34.01 26.78
C ILE C 341 11.35 -32.87 27.71
N GLN C 342 12.59 -32.37 27.59
CA GLN C 342 13.04 -31.24 28.38
C GLN C 342 12.06 -30.08 28.31
N THR C 343 11.72 -29.67 27.08
CA THR C 343 10.80 -28.57 26.85
C THR C 343 9.39 -28.96 27.28
N ALA C 344 8.97 -30.14 26.85
CA ALA C 344 7.61 -30.62 27.11
C ALA C 344 7.24 -30.76 28.59
N GLU C 345 8.20 -31.16 29.41
CA GLU C 345 7.90 -31.36 30.82
C GLU C 345 7.78 -30.03 31.57
N LYS C 346 8.30 -28.97 30.96
CA LYS C 346 8.24 -27.63 31.52
C LYS C 346 6.88 -26.98 31.35
N GLN C 347 6.05 -27.55 30.47
CA GLN C 347 4.84 -26.86 30.00
C GLN C 347 3.70 -27.84 29.65
N ASN C 348 3.51 -28.85 30.50
CA ASN C 348 2.44 -29.82 30.26
C ASN C 348 1.05 -29.20 30.06
N TRP C 349 0.83 -28.01 30.58
CA TRP C 349 -0.43 -27.29 30.36
C TRP C 349 -0.78 -27.14 28.88
N LEU C 350 0.24 -26.87 28.06
CA LEU C 350 0.06 -26.61 26.62
C LEU C 350 -0.65 -27.76 25.94
N HIS C 351 -0.39 -28.98 26.39
CA HIS C 351 -0.90 -30.15 25.68
C HIS C 351 -2.42 -30.35 25.68
N SER C 352 -3.14 -29.64 26.55
CA SER C 352 -4.60 -29.73 26.47
C SER C 352 -5.11 -28.90 25.29
N TYR C 353 -4.21 -28.14 24.65
CA TYR C 353 -4.59 -27.40 23.44
C TYR C 353 -4.38 -28.20 22.16
N PHE C 354 -3.83 -29.40 22.27
CA PHE C 354 -3.32 -30.09 21.08
C PHE C 354 -4.38 -30.92 20.38
N HIS C 355 -4.35 -30.89 19.06
CA HIS C 355 -5.25 -31.70 18.26
C HIS C 355 -4.43 -32.50 17.26
N LYS C 356 -4.98 -33.62 16.84
CA LYS C 356 -4.34 -34.58 15.96
C LYS C 356 -4.12 -34.06 14.56
N TRP C 357 -3.12 -34.62 13.90
CA TRP C 357 -2.94 -34.42 12.49
C TRP C 357 -3.92 -35.33 11.77
N SER C 358 -4.78 -34.72 10.97
CA SER C 358 -5.70 -35.44 10.13
C SER C 358 -5.89 -34.63 8.85
N ALA C 359 -5.66 -35.29 7.72
CA ALA C 359 -5.72 -34.59 6.42
C ALA C 359 -6.38 -35.44 5.33
N GLU C 360 -7.50 -36.05 5.65
CA GLU C 360 -8.26 -36.82 4.65
C GLU C 360 -8.62 -35.96 3.43
N THR C 361 -8.92 -34.69 3.66
CA THR C 361 -9.23 -33.79 2.57
C THR C 361 -8.16 -33.80 1.51
N SER C 362 -6.90 -33.91 1.91
CA SER C 362 -5.78 -33.91 0.95
C SER C 362 -5.08 -35.27 0.86
N GLY C 363 -5.65 -36.28 1.52
CA GLY C 363 -5.10 -37.63 1.53
C GLY C 363 -3.74 -37.75 2.24
N ARG C 364 -3.51 -36.95 3.26
CA ARG C 364 -2.17 -36.84 3.82
C ARG C 364 -2.17 -37.06 5.31
N SER C 365 -3.21 -37.73 5.80
CA SER C 365 -3.28 -38.07 7.21
C SER C 365 -2.02 -38.81 7.60
N ASN C 366 -1.48 -39.62 6.70
CA ASN C 366 -0.28 -40.41 6.97
C ASN C 366 1.02 -39.73 6.53
N ALA C 367 0.90 -38.51 6.01
CA ALA C 367 2.09 -37.75 5.59
C ALA C 367 2.36 -36.63 6.60
N MET C 368 3.29 -36.88 7.53
CA MET C 368 3.47 -36.01 8.67
C MET C 368 3.75 -34.55 8.27
N PRO C 369 3.15 -33.60 8.98
CA PRO C 369 3.30 -32.18 8.63
C PRO C 369 4.68 -31.61 8.98
N HIS C 370 5.35 -31.06 7.98
CA HIS C 370 6.43 -30.11 8.24
C HIS C 370 6.00 -28.69 7.79
N ILE C 371 4.86 -28.61 7.11
CA ILE C 371 4.22 -27.31 6.81
C ILE C 371 3.89 -26.61 8.15
N LYS C 372 3.78 -25.30 8.13
CA LYS C 372 3.29 -24.52 9.27
C LYS C 372 2.23 -23.55 8.75
N THR C 373 1.08 -23.53 9.40
CA THR C 373 0.00 -22.66 8.95
C THR C 373 -0.73 -22.10 10.15
N TYR C 374 -1.34 -20.95 9.96
CA TYR C 374 -2.13 -20.28 10.98
C TYR C 374 -3.31 -19.65 10.27
N MET C 375 -4.47 -19.65 10.89
CA MET C 375 -5.67 -19.15 10.20
C MET C 375 -6.79 -18.82 11.19
N ARG C 376 -7.88 -18.25 10.69
CA ARG C 376 -8.91 -17.70 11.56
C ARG C 376 -10.27 -18.10 11.00
N PRO C 377 -10.67 -19.32 11.29
CA PRO C 377 -11.91 -19.84 10.71
C PRO C 377 -13.12 -19.31 11.46
N SER C 378 -14.27 -19.26 10.79
CA SER C 378 -15.55 -19.00 11.43
C SER C 378 -15.95 -20.17 12.35
N PRO C 379 -16.88 -19.89 13.29
CA PRO C 379 -17.29 -20.88 14.29
C PRO C 379 -17.67 -22.24 13.72
N ASP C 380 -18.27 -22.29 12.53
CA ASP C 380 -18.58 -23.59 11.93
C ASP C 380 -17.49 -24.10 10.98
N PHE C 381 -16.37 -23.40 10.92
CA PHE C 381 -15.23 -23.79 10.07
C PHE C 381 -15.48 -23.78 8.55
N SER C 382 -16.60 -23.22 8.11
CA SER C 382 -16.88 -23.12 6.67
C SER C 382 -16.17 -21.97 5.96
N LYS C 383 -15.73 -20.98 6.71
CA LYS C 383 -14.97 -19.86 6.12
C LYS C 383 -13.79 -19.50 6.97
N ILE C 384 -12.89 -18.65 6.42
CA ILE C 384 -11.74 -18.10 7.16
C ILE C 384 -11.53 -16.60 6.95
N ALA C 385 -11.04 -15.91 7.96
CA ALA C 385 -10.81 -14.47 7.81
C ALA C 385 -9.44 -14.22 7.20
N TRP C 386 -8.58 -15.24 7.19
CA TRP C 386 -7.24 -15.17 6.61
C TRP C 386 -6.49 -16.48 6.73
N PHE C 387 -5.43 -16.65 5.94
CA PHE C 387 -4.63 -17.87 5.99
C PHE C 387 -3.18 -17.46 5.85
N LEU C 388 -2.35 -18.02 6.72
CA LEU C 388 -0.91 -17.81 6.71
C LEU C 388 -0.18 -19.16 6.49
N VAL C 389 0.70 -19.21 5.51
CA VAL C 389 1.63 -20.34 5.39
C VAL C 389 3.01 -19.72 5.65
N THR C 390 3.83 -20.35 6.49
CA THR C 390 5.09 -19.72 6.86
C THR C 390 6.08 -20.78 7.32
N SER C 391 7.35 -20.40 7.49
CA SER C 391 8.29 -21.33 8.08
C SER C 391 8.22 -21.31 9.62
N ALA C 392 7.58 -20.29 10.17
CA ALA C 392 7.60 -20.09 11.62
C ALA C 392 6.84 -21.17 12.38
N ASN C 393 7.54 -21.88 13.26
CA ASN C 393 6.92 -22.85 14.15
C ASN C 393 6.37 -22.18 15.40
N LEU C 394 5.90 -22.97 16.35
CA LEU C 394 5.31 -22.35 17.54
C LEU C 394 6.39 -22.17 18.59
N SER C 395 7.13 -21.07 18.45
CA SER C 395 8.19 -20.70 19.39
C SER C 395 8.34 -19.19 19.50
N LYS C 396 8.78 -18.75 20.66
CA LYS C 396 9.12 -17.34 20.84
C LYS C 396 10.30 -16.96 19.97
N ALA C 397 11.18 -17.93 19.70
CA ALA C 397 12.33 -17.71 18.82
C ALA C 397 11.93 -17.30 17.41
N ALA C 398 10.86 -17.90 16.92
CA ALA C 398 10.37 -17.64 15.58
C ALA C 398 9.44 -16.41 15.54
N TRP C 399 8.59 -16.27 16.55
CA TRP C 399 7.52 -15.27 16.51
C TRP C 399 7.84 -13.94 17.20
N GLY C 400 8.77 -13.96 18.13
CA GLY C 400 9.04 -12.75 18.91
C GLY C 400 8.46 -12.82 20.32
N ALA C 401 9.22 -12.33 21.29
CA ALA C 401 8.73 -12.20 22.66
C ALA C 401 8.99 -10.78 23.18
N LEU C 402 8.08 -10.26 23.98
CA LEU C 402 8.21 -8.89 24.49
C LEU C 402 9.17 -8.78 25.67
N GLU C 403 10.13 -7.86 25.57
CA GLU C 403 11.12 -7.61 26.63
C GLU C 403 11.02 -6.19 27.19
N LYS C 404 11.63 -5.96 28.36
CA LYS C 404 11.67 -4.64 28.99
C LYS C 404 10.29 -3.98 29.06
N ASN C 405 9.43 -4.55 29.92
CA ASN C 405 8.07 -4.05 30.14
C ASN C 405 7.26 -3.80 28.86
N GLY C 406 7.37 -4.74 27.93
CA GLY C 406 6.58 -4.68 26.70
C GLY C 406 6.96 -3.61 25.70
N THR C 407 8.18 -3.12 25.76
CA THR C 407 8.61 -2.08 24.83
C THR C 407 9.60 -2.62 23.79
N GLN C 408 10.00 -3.88 23.95
CA GLN C 408 10.97 -4.48 23.06
C GLN C 408 10.48 -5.84 22.54
N LEU C 409 10.53 -6.03 21.23
CA LEU C 409 10.22 -7.34 20.64
C LEU C 409 11.52 -8.09 20.36
N MET C 410 11.73 -9.19 21.07
CA MET C 410 12.93 -9.96 20.80
C MET C 410 12.64 -11.17 19.91
N ILE C 411 13.32 -11.21 18.75
CA ILE C 411 13.20 -12.33 17.84
C ILE C 411 14.60 -12.93 17.68
N ARG C 412 14.65 -14.26 17.57
CA ARG C 412 15.93 -14.95 17.48
C ARG C 412 16.30 -15.41 16.08
N SER C 413 15.31 -15.54 15.20
CA SER C 413 15.50 -16.31 13.97
C SER C 413 15.01 -15.58 12.74
N TYR C 414 15.48 -16.02 11.57
CA TYR C 414 14.91 -15.63 10.28
C TYR C 414 13.76 -16.59 10.01
N GLU C 415 12.61 -16.04 9.63
CA GLU C 415 11.42 -16.83 9.24
C GLU C 415 10.70 -16.05 8.16
N LEU C 416 9.90 -16.71 7.36
CA LEU C 416 9.24 -16.00 6.27
C LEU C 416 7.97 -16.75 5.87
N GLY C 417 6.90 -15.99 5.67
CA GLY C 417 5.61 -16.56 5.30
C GLY C 417 4.80 -15.63 4.41
N VAL C 418 3.73 -16.16 3.82
CA VAL C 418 2.81 -15.29 3.07
C VAL C 418 1.41 -15.32 3.69
N LEU C 419 0.82 -14.14 3.81
CA LEU C 419 -0.50 -14.02 4.41
C LEU C 419 -1.51 -13.79 3.31
N PHE C 420 -2.58 -14.60 3.28
CA PHE C 420 -3.65 -14.39 2.31
C PHE C 420 -4.80 -13.66 2.98
N LEU C 421 -5.08 -12.45 2.53
CA LEU C 421 -6.16 -11.64 3.09
C LEU C 421 -7.24 -11.49 2.04
N PRO C 422 -8.48 -11.81 2.38
CA PRO C 422 -9.60 -11.59 1.47
C PRO C 422 -9.64 -10.19 0.84
N SER C 423 -9.24 -9.17 1.59
CA SER C 423 -9.27 -7.80 1.08
C SER C 423 -8.34 -7.62 -0.11
N ALA C 424 -7.26 -8.38 -0.16
CA ALA C 424 -6.30 -8.22 -1.24
C ALA C 424 -6.93 -8.74 -2.50
N LEU C 425 -7.99 -9.51 -2.33
CA LEU C 425 -8.77 -10.04 -3.43
C LEU C 425 -10.11 -9.31 -3.55
N GLY C 426 -10.38 -8.39 -2.63
CA GLY C 426 -11.63 -7.64 -2.65
C GLY C 426 -12.79 -8.42 -2.10
N LEU C 427 -12.48 -9.42 -1.27
CA LEU C 427 -13.47 -10.21 -0.54
C LEU C 427 -13.46 -9.86 0.95
N ASP C 428 -14.41 -10.42 1.69
CA ASP C 428 -14.44 -10.26 3.15
C ASP C 428 -13.94 -11.49 3.91
N SER C 429 -13.96 -12.63 3.24
CA SER C 429 -13.65 -13.92 3.85
C SER C 429 -13.43 -14.88 2.70
N PHE C 430 -12.78 -16.01 2.98
CA PHE C 430 -12.71 -17.07 2.01
C PHE C 430 -13.57 -18.24 2.47
N LYS C 431 -14.32 -18.81 1.54
CA LYS C 431 -14.97 -20.08 1.78
C LYS C 431 -13.87 -21.14 1.84
N VAL C 432 -14.02 -22.07 2.77
CA VAL C 432 -13.07 -23.15 2.88
C VAL C 432 -13.37 -24.19 1.81
N LYS C 433 -12.35 -24.54 1.03
CA LYS C 433 -12.51 -25.60 0.06
C LYS C 433 -12.58 -26.93 0.82
N GLN C 434 -13.75 -27.56 0.80
CA GLN C 434 -14.05 -28.71 1.66
C GLN C 434 -13.17 -29.93 1.35
N LYS C 435 -12.87 -30.11 0.06
CA LYS C 435 -12.07 -31.25 -0.39
C LYS C 435 -10.91 -30.76 -1.26
N PHE C 436 -9.70 -30.86 -0.70
CA PHE C 436 -8.50 -30.23 -1.29
C PHE C 436 -8.34 -30.48 -2.80
N THR C 446 -12.27 -19.79 -3.15
CA THR C 446 -12.31 -20.68 -1.99
C THR C 446 -10.93 -21.26 -1.66
N PHE C 447 -10.50 -21.06 -0.42
CA PHE C 447 -9.14 -21.40 0.00
C PHE C 447 -8.88 -22.90 0.23
N PRO C 448 -7.82 -23.44 -0.35
CA PRO C 448 -7.46 -24.85 -0.15
C PRO C 448 -6.81 -25.18 1.21
N VAL C 449 -7.61 -25.25 2.27
CA VAL C 449 -7.12 -25.73 3.56
C VAL C 449 -6.69 -27.19 3.47
N PRO C 450 -5.38 -27.45 3.65
CA PRO C 450 -4.82 -28.76 3.32
C PRO C 450 -5.06 -29.87 4.35
N TYR C 451 -5.61 -29.53 5.52
CA TYR C 451 -5.94 -30.52 6.53
C TYR C 451 -7.40 -30.39 6.95
N ASP C 452 -7.89 -31.38 7.69
CA ASP C 452 -9.33 -31.52 7.99
C ASP C 452 -9.83 -30.55 9.06
N LEU C 453 -11.09 -30.15 8.95
CA LEU C 453 -11.74 -29.30 9.94
C LEU C 453 -13.07 -29.94 10.40
N PRO C 454 -13.49 -29.67 11.63
CA PRO C 454 -12.68 -28.94 12.62
C PRO C 454 -11.58 -29.86 13.15
N PRO C 455 -10.52 -29.30 13.73
CA PRO C 455 -9.44 -30.12 14.28
C PRO C 455 -9.97 -31.04 15.38
N GLU C 456 -9.39 -32.24 15.48
CA GLU C 456 -9.85 -33.23 16.44
C GLU C 456 -8.92 -33.32 17.65
N LEU C 457 -9.50 -33.12 18.84
CA LEU C 457 -8.79 -33.15 20.10
C LEU C 457 -8.01 -34.46 20.32
N TYR C 458 -6.84 -34.40 20.97
CA TYR C 458 -6.16 -35.62 21.44
C TYR C 458 -7.12 -36.50 22.26
N GLY C 459 -7.10 -37.80 22.01
CA GLY C 459 -7.79 -38.73 22.89
C GLY C 459 -7.16 -38.72 24.28
N SER C 460 -7.76 -39.44 25.22
CA SER C 460 -7.22 -39.47 26.58
C SER C 460 -5.88 -40.23 26.62
N LYS C 461 -5.73 -41.23 25.76
CA LYS C 461 -4.47 -41.94 25.74
C LYS C 461 -3.39 -41.40 24.76
N ASP C 462 -3.68 -40.30 24.05
CA ASP C 462 -2.73 -39.70 23.09
C ASP C 462 -1.70 -38.87 23.79
N ARG C 463 -0.49 -38.85 23.25
CA ARG C 463 0.56 -37.96 23.75
C ARG C 463 1.11 -37.22 22.56
N PRO C 464 1.64 -36.02 22.78
CA PRO C 464 2.30 -35.29 21.69
C PRO C 464 3.58 -36.03 21.33
N TRP C 465 3.92 -36.12 20.05
CA TRP C 465 5.19 -36.72 19.69
C TRP C 465 6.30 -35.99 20.42
N ILE C 466 7.17 -36.74 21.11
CA ILE C 466 8.38 -36.18 21.71
C ILE C 466 9.58 -36.95 21.20
N TRP C 467 10.51 -36.25 20.54
CA TRP C 467 11.55 -36.89 19.76
C TRP C 467 12.59 -37.71 20.53
N ASN C 468 12.95 -37.28 21.73
CA ASN C 468 14.10 -37.84 22.41
C ASN C 468 13.77 -38.75 23.58
N ILE C 469 12.61 -39.41 23.51
CA ILE C 469 12.34 -40.54 24.39
C ILE C 469 12.05 -41.75 23.53
N PRO C 470 12.18 -42.95 24.11
CA PRO C 470 11.95 -44.18 23.36
C PRO C 470 10.47 -44.58 23.25
N TYR C 471 10.14 -45.25 22.16
CA TYR C 471 8.82 -45.83 21.96
C TYR C 471 9.11 -47.27 21.55
N VAL C 472 8.85 -48.21 22.45
CA VAL C 472 9.20 -49.62 22.21
C VAL C 472 8.05 -50.58 22.51
N LYS C 473 6.90 -50.04 22.87
CA LYS C 473 5.76 -50.88 23.20
C LYS C 473 5.07 -51.32 21.93
N ALA C 474 5.04 -50.43 20.94
CA ALA C 474 4.45 -50.76 19.66
C ALA C 474 5.34 -50.31 18.52
N PRO C 475 5.45 -51.19 17.54
CA PRO C 475 6.27 -50.95 16.37
C PRO C 475 5.52 -50.00 15.44
N ASP C 476 6.25 -49.36 14.54
CA ASP C 476 5.63 -48.40 13.64
C ASP C 476 5.28 -49.10 12.34
N THR C 477 4.90 -48.29 11.34
CA THR C 477 4.57 -48.74 10.00
C THR C 477 5.56 -49.72 9.39
N HIS C 478 6.85 -49.58 9.72
CA HIS C 478 7.84 -50.45 9.11
C HIS C 478 8.34 -51.58 10.05
N GLY C 479 7.61 -51.83 11.13
CA GLY C 479 7.98 -52.86 12.09
C GLY C 479 9.18 -52.49 12.96
N ASN C 480 9.51 -51.21 12.99
CA ASN C 480 10.65 -50.68 13.75
C ASN C 480 10.20 -50.07 15.06
N MET C 481 11.12 -50.00 16.03
CA MET C 481 10.91 -49.19 17.23
C MET C 481 11.73 -47.90 17.11
N TRP C 482 11.63 -47.05 18.11
CA TRP C 482 12.33 -45.78 18.15
C TRP C 482 13.09 -45.70 19.47
N VAL C 483 14.41 -45.77 19.39
CA VAL C 483 15.24 -45.61 20.57
C VAL C 483 16.32 -44.61 20.26
N PRO C 484 16.07 -43.35 20.60
CA PRO C 484 17.00 -42.26 20.28
C PRO C 484 18.19 -42.30 21.22
N SER C 485 19.39 -42.22 20.65
CA SER C 485 20.64 -42.29 21.40
C SER C 485 21.78 -42.77 20.51
N ASN D 39 4.14 9.82 -20.72
CA ASN D 39 4.65 10.51 -19.49
C ASN D 39 3.91 10.08 -18.21
N PRO D 40 4.66 9.94 -17.13
CA PRO D 40 4.13 9.31 -15.92
C PRO D 40 3.22 10.26 -15.18
N PHE D 41 3.34 11.55 -15.43
CA PHE D 41 2.69 12.50 -14.55
C PHE D 41 1.23 12.76 -14.86
N GLN D 42 0.88 12.91 -16.13
CA GLN D 42 -0.49 13.23 -16.52
C GLN D 42 -1.01 14.46 -15.77
N PHE D 43 -0.12 15.44 -15.61
CA PHE D 43 -0.44 16.73 -15.03
C PHE D 43 -0.54 17.74 -16.16
N TYR D 44 -1.67 18.42 -16.30
CA TYR D 44 -1.86 19.36 -17.41
C TYR D 44 -2.34 20.71 -16.89
N LEU D 45 -2.19 21.75 -17.70
CA LEU D 45 -2.72 23.08 -17.40
C LEU D 45 -3.90 23.24 -18.35
N THR D 46 -4.83 24.12 -18.00
CA THR D 46 -5.96 24.39 -18.88
C THR D 46 -5.48 25.31 -19.98
N ARG D 47 -6.25 25.34 -21.08
CA ARG D 47 -5.93 26.19 -22.21
C ARG D 47 -6.13 27.64 -21.79
N VAL D 48 -5.24 28.53 -22.23
CA VAL D 48 -5.38 29.94 -21.90
C VAL D 48 -5.62 30.72 -23.18
N SER D 49 -6.77 31.37 -23.25
CA SER D 49 -7.11 32.05 -24.48
C SER D 49 -6.24 33.30 -24.64
N GLY D 50 -5.44 33.32 -25.69
CA GLY D 50 -4.74 34.54 -26.02
C GLY D 50 -3.24 34.42 -25.98
N VAL D 51 -2.74 33.38 -25.31
CA VAL D 51 -1.30 33.11 -25.35
C VAL D 51 -0.94 32.48 -26.70
N LYS D 52 0.34 32.53 -27.03
CA LYS D 52 0.87 31.89 -28.23
C LYS D 52 0.60 30.39 -28.15
N PRO D 53 0.27 29.81 -29.31
CA PRO D 53 -0.08 28.39 -29.43
C PRO D 53 0.90 27.44 -28.76
N LYS D 54 2.17 27.79 -28.76
CA LYS D 54 3.17 26.93 -28.14
C LYS D 54 2.94 26.74 -26.64
N TYR D 55 2.21 27.67 -26.04
CA TYR D 55 1.89 27.61 -24.61
C TYR D 55 0.56 26.92 -24.38
N ASN D 56 -0.13 26.58 -25.47
CA ASN D 56 -1.37 25.81 -25.38
C ASN D 56 -1.31 24.40 -26.02
N SER D 57 -0.22 24.08 -26.71
CA SER D 57 -0.15 22.79 -27.41
C SER D 57 -0.38 21.57 -26.50
N GLY D 58 0.28 21.52 -25.34
CA GLY D 58 0.02 20.43 -24.42
C GLY D 58 -0.97 20.73 -23.30
N ALA D 59 -1.81 21.74 -23.49
CA ALA D 59 -2.79 22.13 -22.47
C ALA D 59 -4.18 21.61 -22.83
N LEU D 60 -5.10 21.57 -21.85
CA LEU D 60 -6.43 21.03 -22.09
C LEU D 60 -7.55 21.99 -21.78
N HIS D 61 -8.51 22.11 -22.70
CA HIS D 61 -9.78 22.74 -22.36
C HIS D 61 -10.73 21.61 -21.91
N ILE D 62 -11.80 21.97 -21.22
CA ILE D 62 -12.79 20.98 -20.81
C ILE D 62 -13.41 20.26 -22.02
N LYS D 63 -13.49 20.95 -23.15
CA LYS D 63 -14.01 20.32 -24.34
C LYS D 63 -13.13 19.17 -24.81
N ASP D 64 -11.81 19.28 -24.60
CA ASP D 64 -10.88 18.21 -24.92
C ASP D 64 -11.08 17.02 -23.97
N ILE D 65 -11.28 17.32 -22.69
CA ILE D 65 -11.35 16.26 -21.68
C ILE D 65 -12.58 15.39 -21.91
N LEU D 66 -13.66 16.02 -22.38
CA LEU D 66 -14.94 15.35 -22.53
C LEU D 66 -15.12 14.82 -23.93
N SER D 67 -14.11 15.01 -24.77
CA SER D 67 -14.19 14.62 -26.17
C SER D 67 -14.32 13.09 -26.35
N PRO D 68 -15.00 12.63 -27.41
CA PRO D 68 -15.09 11.20 -27.75
C PRO D 68 -13.72 10.53 -27.84
N LEU D 69 -12.67 11.32 -28.12
CA LEU D 69 -11.35 10.73 -28.23
C LEU D 69 -10.91 10.18 -26.88
N PHE D 70 -11.53 10.67 -25.79
CA PHE D 70 -11.09 10.28 -24.44
C PHE D 70 -11.85 9.06 -23.95
N GLY D 71 -12.94 8.73 -24.64
CA GLY D 71 -13.73 7.56 -24.28
C GLY D 71 -15.16 7.80 -24.63
N THR D 72 -15.95 6.74 -24.75
CA THR D 72 -17.35 6.87 -25.13
C THR D 72 -18.21 7.01 -23.89
N LEU D 73 -18.63 8.24 -23.62
CA LEU D 73 -19.30 8.55 -22.37
C LEU D 73 -20.62 7.79 -22.18
N VAL D 74 -20.78 7.22 -21.00
CA VAL D 74 -22.02 6.58 -20.61
C VAL D 74 -22.75 7.41 -19.54
N SER D 75 -22.01 7.86 -18.53
CA SER D 75 -22.49 8.89 -17.63
C SER D 75 -21.31 9.56 -16.94
N SER D 76 -21.59 10.66 -16.27
CA SER D 76 -20.53 11.39 -15.61
C SER D 76 -21.04 11.99 -14.33
N ALA D 77 -20.13 12.20 -13.40
CA ALA D 77 -20.40 12.96 -12.19
C ALA D 77 -19.46 14.15 -12.15
N GLN D 78 -20.02 15.33 -11.89
CA GLN D 78 -19.24 16.56 -11.88
C GLN D 78 -19.29 17.12 -10.49
N PHE D 79 -18.17 16.98 -9.77
CA PHE D 79 -18.01 17.50 -8.41
C PHE D 79 -17.46 18.90 -8.53
N ASN D 80 -18.11 19.88 -7.91
CA ASN D 80 -17.53 21.20 -7.96
C ASN D 80 -18.16 22.16 -6.98
N TYR D 81 -17.66 23.40 -7.00
CA TYR D 81 -18.11 24.45 -6.11
C TYR D 81 -19.09 25.38 -6.84
N CYS D 82 -18.65 26.01 -7.93
CA CYS D 82 -19.53 26.81 -8.79
C CYS D 82 -19.85 26.14 -10.12
N PHE D 83 -21.08 26.33 -10.58
CA PHE D 83 -21.59 25.71 -11.80
C PHE D 83 -22.36 26.73 -12.65
N ASP D 84 -22.06 26.78 -13.94
CA ASP D 84 -22.93 27.43 -14.91
C ASP D 84 -23.45 26.27 -15.75
N VAL D 85 -24.70 25.85 -15.53
CA VAL D 85 -25.20 24.61 -16.12
C VAL D 85 -25.39 24.69 -17.63
N ASP D 86 -25.96 25.80 -18.10
CA ASP D 86 -26.04 26.06 -19.53
C ASP D 86 -24.66 25.92 -20.17
N TRP D 87 -23.64 26.59 -19.61
CA TRP D 87 -22.30 26.50 -20.18
C TRP D 87 -21.77 25.07 -20.09
N LEU D 88 -21.98 24.45 -18.94
CA LEU D 88 -21.36 23.13 -18.71
C LEU D 88 -21.83 22.08 -19.74
N VAL D 89 -23.15 22.02 -19.95
CA VAL D 89 -23.73 21.12 -20.94
C VAL D 89 -23.16 21.31 -22.35
N LYS D 90 -22.95 22.56 -22.74
CA LYS D 90 -22.34 22.85 -24.03
C LYS D 90 -20.87 22.37 -24.12
N GLN D 91 -20.23 22.10 -22.97
CA GLN D 91 -18.85 21.60 -23.05
C GLN D 91 -18.81 20.12 -23.45
N TYR D 92 -19.89 19.40 -23.19
CA TYR D 92 -19.97 18.00 -23.62
C TYR D 92 -20.20 17.97 -25.11
N PRO D 93 -19.63 17.01 -25.83
CA PRO D 93 -19.87 16.91 -27.28
C PRO D 93 -21.36 16.58 -27.56
N PRO D 94 -21.87 17.08 -28.67
CA PRO D 94 -23.29 16.96 -28.99
C PRO D 94 -23.81 15.54 -28.86
N GLU D 95 -23.02 14.57 -29.28
CA GLU D 95 -23.44 13.18 -29.19
C GLU D 95 -23.57 12.68 -27.74
N PHE D 96 -22.97 13.40 -26.78
CA PHE D 96 -23.00 12.96 -25.36
C PHE D 96 -23.91 13.79 -24.47
N ARG D 97 -24.54 14.80 -25.05
CA ARG D 97 -25.21 15.81 -24.24
C ARG D 97 -26.45 15.35 -23.51
N LYS D 98 -26.98 14.18 -23.86
CA LYS D 98 -28.12 13.63 -23.14
C LYS D 98 -27.78 12.42 -22.23
N LYS D 99 -26.51 12.04 -22.15
CA LYS D 99 -26.10 11.06 -21.13
C LYS D 99 -26.31 11.63 -19.72
N PRO D 100 -26.52 10.79 -18.71
CA PRO D 100 -26.76 11.31 -17.35
C PRO D 100 -25.54 12.07 -16.82
N ILE D 101 -25.85 13.18 -16.16
CA ILE D 101 -24.86 13.99 -15.47
C ILE D 101 -25.32 14.12 -14.03
N LEU D 102 -24.44 13.84 -13.07
CA LEU D 102 -24.74 14.14 -11.68
C LEU D 102 -23.86 15.30 -11.30
N LEU D 103 -24.47 16.34 -10.71
CA LEU D 103 -23.78 17.51 -10.24
C LEU D 103 -23.69 17.36 -8.73
N VAL D 104 -22.48 17.35 -8.20
CA VAL D 104 -22.26 17.23 -6.75
C VAL D 104 -21.78 18.58 -6.28
N HIS D 105 -22.59 19.21 -5.43
CA HIS D 105 -22.42 20.62 -5.08
C HIS D 105 -22.66 20.72 -3.57
N GLY D 106 -22.50 21.90 -3.01
CA GLY D 106 -22.78 22.04 -1.59
C GLY D 106 -23.75 23.18 -1.29
N ASP D 107 -24.46 23.65 -2.30
CA ASP D 107 -25.29 24.83 -2.17
C ASP D 107 -26.49 24.57 -1.29
N LYS D 108 -26.89 25.60 -0.56
CA LYS D 108 -28.02 25.55 0.35
C LYS D 108 -29.04 26.63 0.00
N ARG D 109 -30.27 26.41 0.47
CA ARG D 109 -31.34 27.40 0.40
C ARG D 109 -31.51 28.03 -0.96
N GLU D 110 -31.33 29.34 -1.03
CA GLU D 110 -31.64 30.08 -2.24
C GLU D 110 -30.63 29.78 -3.34
N ALA D 111 -29.38 29.56 -2.95
CA ALA D 111 -28.35 29.19 -3.92
C ALA D 111 -28.69 27.81 -4.49
N LYS D 112 -29.15 26.91 -3.62
CA LYS D 112 -29.60 25.60 -4.05
C LYS D 112 -30.75 25.70 -5.05
N ALA D 113 -31.71 26.58 -4.75
CA ALA D 113 -32.86 26.75 -5.62
C ALA D 113 -32.41 27.31 -6.95
N HIS D 114 -31.41 28.19 -6.92
CA HIS D 114 -30.90 28.74 -8.18
C HIS D 114 -30.25 27.65 -9.03
N LEU D 115 -29.47 26.76 -8.41
CA LEU D 115 -28.80 25.68 -9.15
C LEU D 115 -29.83 24.69 -9.69
N HIS D 116 -30.82 24.36 -8.87
CA HIS D 116 -31.91 23.51 -9.36
C HIS D 116 -32.60 24.12 -10.58
N ALA D 117 -32.91 25.40 -10.51
CA ALA D 117 -33.52 26.09 -11.66
C ALA D 117 -32.61 26.04 -12.88
N GLN D 118 -31.29 26.15 -12.68
CA GLN D 118 -30.34 26.03 -13.82
C GLN D 118 -30.44 24.63 -14.46
N ALA D 119 -30.51 23.58 -13.65
CA ALA D 119 -30.52 22.22 -14.18
C ALA D 119 -31.87 21.83 -14.77
N LYS D 120 -32.93 22.49 -14.30
CA LYS D 120 -34.32 22.10 -14.62
C LYS D 120 -34.65 21.73 -16.07
N PRO D 121 -34.16 22.48 -17.05
CA PRO D 121 -34.48 22.22 -18.45
C PRO D 121 -33.83 20.97 -19.01
N TYR D 122 -32.80 20.48 -18.32
CA TYR D 122 -32.04 19.32 -18.80
C TYR D 122 -32.46 18.11 -17.99
N GLU D 123 -33.30 17.29 -18.60
CA GLU D 123 -33.89 16.14 -17.93
C GLU D 123 -32.88 15.05 -17.49
N ASN D 124 -31.71 15.04 -18.13
CA ASN D 124 -30.65 14.08 -17.79
C ASN D 124 -29.76 14.53 -16.60
N ILE D 125 -30.05 15.67 -16.00
CA ILE D 125 -29.18 16.14 -14.93
C ILE D 125 -29.82 15.94 -13.58
N SER D 126 -29.06 15.30 -12.68
CA SER D 126 -29.48 15.13 -11.30
C SER D 126 -28.51 15.88 -10.44
N LEU D 127 -28.91 16.08 -9.20
CA LEU D 127 -28.13 16.84 -8.25
C LEU D 127 -27.95 16.08 -6.97
N CYS D 128 -26.74 16.17 -6.40
CA CYS D 128 -26.44 15.64 -5.08
C CYS D 128 -25.90 16.79 -4.24
N GLN D 129 -26.64 17.12 -3.18
CA GLN D 129 -26.23 18.17 -2.25
C GLN D 129 -25.40 17.53 -1.17
N ALA D 130 -24.10 17.81 -1.19
CA ALA D 130 -23.18 17.29 -0.19
C ALA D 130 -23.48 17.99 1.14
N LYS D 131 -23.46 17.24 2.22
CA LYS D 131 -23.77 17.82 3.52
C LYS D 131 -22.62 18.66 4.05
N LEU D 132 -22.96 19.84 4.54
CA LEU D 132 -22.00 20.76 5.15
C LEU D 132 -22.53 21.12 6.53
N ASP D 133 -22.31 20.23 7.48
CA ASP D 133 -22.89 20.42 8.81
C ASP D 133 -22.01 21.28 9.68
N ILE D 134 -20.92 21.79 9.11
CA ILE D 134 -20.09 22.73 9.85
C ILE D 134 -20.05 24.09 9.15
N ALA D 135 -20.34 25.16 9.90
CA ALA D 135 -20.42 26.51 9.35
C ALA D 135 -19.16 26.96 8.60
N PHE D 136 -19.36 27.64 7.47
CA PHE D 136 -18.25 28.20 6.68
C PHE D 136 -17.43 27.13 5.94
N GLY D 137 -17.95 25.91 5.89
CA GLY D 137 -17.38 24.90 5.02
C GLY D 137 -17.93 25.09 3.62
N THR D 138 -17.22 24.57 2.63
CA THR D 138 -17.78 24.55 1.28
C THR D 138 -17.51 23.21 0.67
N HIS D 139 -18.30 22.84 -0.32
CA HIS D 139 -17.95 21.69 -1.12
C HIS D 139 -17.04 22.21 -2.22
N HIS D 140 -15.74 22.20 -1.96
CA HIS D 140 -14.78 22.83 -2.85
C HIS D 140 -14.07 21.89 -3.88
N THR D 141 -14.08 20.57 -3.62
CA THR D 141 -13.55 19.56 -4.56
C THR D 141 -13.93 19.78 -6.03
N LYS D 142 -12.96 19.73 -6.94
CA LYS D 142 -13.20 19.73 -8.38
C LYS D 142 -12.78 18.36 -8.94
N MET D 143 -13.77 17.53 -9.22
CA MET D 143 -13.49 16.19 -9.77
C MET D 143 -14.54 15.81 -10.82
N MET D 144 -14.09 15.10 -11.86
CA MET D 144 -15.03 14.48 -12.80
C MET D 144 -14.92 12.97 -12.71
N LEU D 145 -16.05 12.27 -12.67
CA LEU D 145 -16.02 10.80 -12.79
C LEU D 145 -16.65 10.51 -14.15
N LEU D 146 -15.90 9.87 -15.01
CA LEU D 146 -16.29 9.75 -16.41
C LEU D 146 -16.39 8.26 -16.76
N LEU D 147 -17.62 7.76 -16.80
CA LEU D 147 -17.85 6.36 -17.13
C LEU D 147 -18.07 6.22 -18.64
N TYR D 148 -17.24 5.39 -19.27
CA TYR D 148 -17.28 5.13 -20.69
C TYR D 148 -17.73 3.70 -20.95
N GLU D 149 -17.94 3.38 -22.23
CA GLU D 149 -18.17 1.99 -22.65
C GLU D 149 -16.87 1.21 -22.45
N GLU D 150 -15.75 1.91 -22.62
CA GLU D 150 -14.41 1.31 -22.61
C GLU D 150 -13.79 1.17 -21.20
N GLY D 151 -14.29 1.94 -20.26
CA GLY D 151 -13.75 1.88 -18.92
C GLY D 151 -14.16 3.09 -18.13
N LEU D 152 -13.27 3.54 -17.26
CA LEU D 152 -13.61 4.64 -16.36
C LEU D 152 -12.42 5.58 -16.32
N ARG D 153 -12.69 6.88 -16.20
CA ARG D 153 -11.63 7.84 -15.97
C ARG D 153 -11.95 8.75 -14.78
N VAL D 154 -10.93 9.11 -14.00
CA VAL D 154 -11.11 10.08 -12.94
C VAL D 154 -10.26 11.29 -13.28
N VAL D 155 -10.84 12.48 -13.10
CA VAL D 155 -10.16 13.74 -13.35
C VAL D 155 -10.23 14.60 -12.10
N ILE D 156 -9.09 14.92 -11.50
CA ILE D 156 -9.03 15.83 -10.36
C ILE D 156 -8.33 17.11 -10.81
N HIS D 157 -8.98 18.24 -10.55
CA HIS D 157 -8.55 19.51 -11.14
C HIS D 157 -8.88 20.68 -10.20
N THR D 158 -8.77 21.91 -10.68
CA THR D 158 -8.89 23.09 -9.83
C THR D 158 -9.89 24.13 -10.33
N SER D 159 -10.57 23.86 -11.44
CA SER D 159 -11.45 24.85 -12.06
C SER D 159 -12.91 24.64 -11.69
N ASN D 160 -13.61 25.75 -11.43
CA ASN D 160 -15.07 25.72 -11.31
C ASN D 160 -15.68 25.46 -12.67
N LEU D 161 -16.96 25.07 -12.72
CA LEU D 161 -17.55 24.79 -14.01
C LEU D 161 -18.26 26.04 -14.52
N ILE D 162 -17.45 27.10 -14.74
CA ILE D 162 -17.94 28.32 -15.36
C ILE D 162 -16.93 28.75 -16.43
N HIS D 163 -17.40 29.52 -17.41
CA HIS D 163 -16.56 29.92 -18.54
C HIS D 163 -15.26 30.59 -18.12
N ALA D 164 -15.35 31.49 -17.16
CA ALA D 164 -14.18 32.28 -16.79
C ALA D 164 -13.04 31.47 -16.17
N ASP D 165 -13.38 30.37 -15.53
CA ASP D 165 -12.36 29.52 -14.91
C ASP D 165 -11.52 28.76 -15.94
N TRP D 166 -12.00 28.65 -17.16
CA TRP D 166 -11.31 27.87 -18.19
C TRP D 166 -10.85 28.79 -19.34
N HIS D 167 -10.99 30.09 -19.15
CA HIS D 167 -10.71 31.04 -20.21
C HIS D 167 -9.27 31.58 -20.14
N GLN D 168 -8.95 32.33 -19.09
CA GLN D 168 -7.64 32.96 -19.02
C GLN D 168 -6.94 32.77 -17.68
N LYS D 169 -7.28 31.68 -16.99
CA LYS D 169 -6.67 31.40 -15.69
C LYS D 169 -5.62 30.30 -15.80
N THR D 170 -4.63 30.31 -14.91
CA THR D 170 -3.76 29.15 -14.74
C THR D 170 -4.46 28.15 -13.84
N GLN D 171 -4.80 26.97 -14.37
CA GLN D 171 -5.53 25.94 -13.63
C GLN D 171 -4.79 24.61 -13.84
N GLY D 172 -4.88 23.69 -12.88
CA GLY D 172 -4.23 22.38 -13.02
C GLY D 172 -5.21 21.21 -13.15
N ILE D 173 -4.81 20.20 -13.92
CA ILE D 173 -5.60 19.01 -14.12
C ILE D 173 -4.72 17.78 -13.88
N TRP D 174 -5.22 16.77 -13.17
CA TRP D 174 -4.60 15.44 -13.20
C TRP D 174 -5.55 14.50 -13.93
N LEU D 175 -5.00 13.74 -14.87
CA LEU D 175 -5.82 12.84 -15.68
C LEU D 175 -5.47 11.41 -15.38
N SER D 176 -6.42 10.64 -14.85
CA SER D 176 -6.17 9.22 -14.61
C SER D 176 -6.02 8.49 -15.94
N PRO D 177 -5.46 7.29 -15.87
CA PRO D 177 -5.48 6.35 -17.00
C PRO D 177 -6.90 5.91 -17.24
N LEU D 178 -7.16 5.39 -18.43
CA LEU D 178 -8.43 4.72 -18.69
C LEU D 178 -8.40 3.42 -17.88
N TYR D 179 -9.22 3.35 -16.84
CA TYR D 179 -9.25 2.18 -15.99
C TYR D 179 -10.23 1.14 -16.61
N PRO D 180 -9.74 -0.06 -16.92
CA PRO D 180 -10.61 -1.09 -17.50
C PRO D 180 -11.51 -1.69 -16.43
N ARG D 181 -12.62 -2.30 -16.85
CA ARG D 181 -13.49 -3.07 -15.97
C ARG D 181 -12.73 -4.29 -15.52
N ILE D 182 -12.97 -4.75 -14.29
CA ILE D 182 -12.39 -6.00 -13.83
C ILE D 182 -13.18 -7.14 -14.46
N ALA D 183 -12.45 -8.15 -14.92
CA ALA D 183 -13.04 -9.29 -15.63
C ALA D 183 -14.14 -9.99 -14.84
N ASP D 184 -15.10 -10.55 -15.57
CA ASP D 184 -16.17 -11.33 -14.96
C ASP D 184 -15.60 -12.58 -14.29
N GLY D 185 -16.19 -12.94 -13.15
CA GLY D 185 -15.71 -14.07 -12.37
C GLY D 185 -14.24 -13.99 -12.01
N THR D 186 -13.69 -12.78 -12.08
CA THR D 186 -12.30 -12.56 -11.67
C THR D 186 -12.28 -12.19 -10.19
N HIS D 187 -11.19 -12.55 -9.52
CA HIS D 187 -10.97 -12.16 -8.13
C HIS D 187 -9.79 -11.21 -8.05
N LYS D 188 -10.05 -9.91 -8.26
CA LYS D 188 -9.01 -8.90 -8.16
C LYS D 188 -9.51 -7.69 -7.39
N SER D 189 -8.63 -7.09 -6.60
CA SER D 189 -8.96 -5.88 -5.88
C SER D 189 -9.05 -4.73 -6.86
N GLY D 190 -8.21 -4.76 -7.90
CA GLY D 190 -8.08 -3.60 -8.76
C GLY D 190 -7.40 -2.43 -8.05
N GLU D 191 -6.64 -2.73 -7.00
CA GLU D 191 -6.04 -1.66 -6.16
C GLU D 191 -4.61 -1.36 -6.64
N SER D 192 -4.14 -0.13 -6.45
CA SER D 192 -2.75 0.22 -6.78
C SER D 192 -1.89 0.25 -5.52
N PRO D 193 -0.57 0.26 -5.67
CA PRO D 193 0.32 0.39 -4.52
C PRO D 193 0.09 1.68 -3.70
N THR D 194 -0.53 2.72 -4.27
CA THR D 194 -0.80 3.95 -3.54
C THR D 194 -2.16 3.92 -2.84
N HIS D 195 -2.90 2.84 -3.05
CA HIS D 195 -4.21 2.62 -2.42
C HIS D 195 -5.25 3.62 -2.91
N PHE D 196 -5.07 4.13 -4.12
CA PHE D 196 -5.94 5.15 -4.65
C PHE D 196 -7.41 4.71 -4.66
N LYS D 197 -7.65 3.47 -5.02
CA LYS D 197 -9.02 2.98 -5.17
C LYS D 197 -9.79 2.99 -3.87
N ALA D 198 -9.25 2.33 -2.85
CA ALA D 198 -9.84 2.37 -1.51
C ALA D 198 -9.92 3.80 -0.97
N ASN D 199 -8.89 4.62 -1.23
CA ASN D 199 -8.88 6.01 -0.77
C ASN D 199 -9.99 6.85 -1.46
N LEU D 200 -10.20 6.61 -2.74
CA LEU D 200 -11.27 7.32 -3.46
C LEU D 200 -12.64 6.85 -2.97
N ILE D 201 -12.76 5.56 -2.73
CA ILE D 201 -14.00 5.03 -2.22
C ILE D 201 -14.33 5.58 -0.84
N SER D 202 -13.33 5.70 0.03
CA SER D 202 -13.50 6.22 1.39
C SER D 202 -13.95 7.68 1.32
N TYR D 203 -13.33 8.41 0.40
CA TYR D 203 -13.70 9.81 0.18
C TYR D 203 -15.19 9.91 -0.17
N LEU D 204 -15.61 9.12 -1.15
CA LEU D 204 -17.01 9.16 -1.56
C LEU D 204 -17.98 8.70 -0.46
N THR D 205 -17.53 7.74 0.37
CA THR D 205 -18.35 7.20 1.45
C THR D 205 -18.67 8.23 2.53
N ALA D 206 -17.75 9.17 2.74
CA ALA D 206 -17.95 10.24 3.69
C ALA D 206 -19.15 11.16 3.38
N TYR D 207 -19.59 11.20 2.11
CA TYR D 207 -20.79 11.98 1.76
C TYR D 207 -22.09 11.35 2.30
N ASN D 208 -22.12 10.03 2.44
CA ASN D 208 -23.34 9.35 2.89
C ASN D 208 -24.51 9.66 1.97
N ALA D 209 -24.31 9.51 0.68
CA ALA D 209 -25.30 9.95 -0.28
C ALA D 209 -25.61 8.86 -1.34
N PRO D 210 -26.88 8.62 -1.55
CA PRO D 210 -27.34 7.54 -2.42
C PRO D 210 -26.75 7.61 -3.82
N SER D 211 -26.80 8.79 -4.43
CA SER D 211 -26.30 8.95 -5.78
C SER D 211 -24.82 8.62 -5.83
N LEU D 212 -24.11 8.85 -4.73
CA LEU D 212 -22.68 8.56 -4.75
C LEU D 212 -22.37 7.06 -4.60
N LYS D 213 -23.21 6.36 -3.86
CA LYS D 213 -23.07 4.90 -3.72
C LYS D 213 -23.02 4.23 -5.10
N GLU D 214 -23.89 4.66 -6.00
CA GLU D 214 -23.85 4.16 -7.38
C GLU D 214 -22.46 4.34 -8.04
N TRP D 215 -21.84 5.51 -7.86
CA TRP D 215 -20.47 5.70 -8.33
C TRP D 215 -19.43 4.86 -7.60
N ILE D 216 -19.67 4.61 -6.32
CA ILE D 216 -18.78 3.77 -5.54
C ILE D 216 -18.82 2.34 -6.12
N ASP D 217 -20.02 1.88 -6.45
CA ASP D 217 -20.15 0.58 -7.08
C ASP D 217 -19.49 0.57 -8.47
N VAL D 218 -19.59 1.66 -9.22
CA VAL D 218 -18.86 1.73 -10.49
C VAL D 218 -17.34 1.58 -10.26
N ILE D 219 -16.82 2.27 -9.27
CA ILE D 219 -15.39 2.18 -9.00
C ILE D 219 -14.94 0.77 -8.57
N HIS D 220 -15.72 0.11 -7.71
CA HIS D 220 -15.46 -1.26 -7.27
C HIS D 220 -15.24 -2.22 -8.44
N LYS D 221 -15.98 -2.01 -9.52
CA LYS D 221 -15.91 -2.89 -10.69
C LYS D 221 -14.77 -2.55 -11.66
N HIS D 222 -14.02 -1.47 -11.41
CA HIS D 222 -12.93 -1.17 -12.31
C HIS D 222 -11.56 -1.44 -11.68
N ASP D 223 -10.56 -1.57 -12.54
CA ASP D 223 -9.20 -1.84 -12.14
C ASP D 223 -8.41 -0.54 -12.20
N LEU D 224 -8.03 -0.06 -11.02
CA LEU D 224 -7.34 1.24 -10.86
C LEU D 224 -5.89 0.99 -10.46
N SER D 225 -5.45 -0.25 -10.63
CA SER D 225 -4.16 -0.65 -10.11
C SER D 225 -3.01 0.14 -10.70
N GLU D 226 -3.19 0.74 -11.87
CA GLU D 226 -2.06 1.47 -12.49
C GLU D 226 -1.83 2.89 -11.94
N THR D 227 -2.73 3.37 -11.09
CA THR D 227 -2.61 4.68 -10.51
C THR D 227 -1.27 4.83 -9.79
N ASN D 228 -0.55 5.92 -10.06
CA ASN D 228 0.75 6.15 -9.42
C ASN D 228 0.77 7.40 -8.54
N VAL D 229 -0.40 7.97 -8.26
CA VAL D 229 -0.47 9.12 -7.37
C VAL D 229 -1.24 8.77 -6.10
N TYR D 230 -1.04 9.56 -5.05
CA TYR D 230 -1.78 9.37 -3.81
C TYR D 230 -2.92 10.38 -3.72
N LEU D 231 -4.11 9.91 -3.31
CA LEU D 231 -5.24 10.80 -3.09
C LEU D 231 -5.14 11.56 -1.75
N ILE D 232 -5.32 12.87 -1.78
CA ILE D 232 -5.39 13.62 -0.51
C ILE D 232 -6.73 14.34 -0.41
N GLY D 233 -7.61 13.83 0.42
CA GLY D 233 -8.94 14.40 0.55
C GLY D 233 -9.09 15.19 1.83
N SER D 234 -9.97 16.19 1.80
CA SER D 234 -10.49 16.79 3.03
C SER D 234 -11.99 16.53 2.99
N THR D 235 -12.58 16.30 4.15
CA THR D 235 -14.01 16.12 4.24
C THR D 235 -14.43 16.74 5.61
N PRO D 236 -15.64 17.30 5.71
CA PRO D 236 -16.01 17.99 6.95
C PRO D 236 -16.17 16.98 8.09
N GLY D 237 -15.58 17.32 9.23
CA GLY D 237 -15.80 16.58 10.46
C GLY D 237 -14.75 16.89 11.51
N ARG D 238 -14.80 16.11 12.59
CA ARG D 238 -13.88 16.22 13.69
C ARG D 238 -13.22 14.86 13.80
N PHE D 239 -11.94 14.80 13.52
CA PHE D 239 -11.31 13.50 13.41
C PHE D 239 -10.32 13.19 14.51
N GLN D 240 -10.59 12.08 15.20
CA GLN D 240 -9.79 11.64 16.32
C GLN D 240 -9.21 10.25 16.08
N GLY D 241 -8.14 9.93 16.82
CA GLY D 241 -7.59 8.60 16.82
C GLY D 241 -7.03 8.24 15.46
N SER D 242 -7.35 7.04 15.00
CA SER D 242 -6.87 6.55 13.72
C SER D 242 -7.37 7.45 12.60
N GLN D 243 -8.64 7.86 12.70
CA GLN D 243 -9.28 8.77 11.74
C GLN D 243 -8.52 10.08 11.54
N LYS D 244 -7.76 10.49 12.53
CA LYS D 244 -7.02 11.75 12.43
C LYS D 244 -6.11 11.82 11.19
N ASP D 245 -5.61 10.66 10.75
CA ASP D 245 -4.65 10.57 9.65
C ASP D 245 -5.29 10.49 8.26
N ASN D 246 -6.62 10.44 8.22
CA ASN D 246 -7.35 10.15 6.99
C ASN D 246 -7.47 11.37 6.08
N TRP D 247 -7.41 12.56 6.66
CA TRP D 247 -7.80 13.78 5.96
C TRP D 247 -6.92 15.01 6.21
N GLY D 248 -7.03 15.99 5.31
CA GLY D 248 -6.40 17.28 5.50
C GLY D 248 -4.91 17.18 5.61
N HIS D 249 -4.29 18.10 6.35
CA HIS D 249 -2.83 18.14 6.39
C HIS D 249 -2.23 16.95 7.13
N PHE D 250 -3.00 16.29 8.00
CA PHE D 250 -2.49 15.10 8.68
C PHE D 250 -2.42 13.90 7.73
N ARG D 251 -3.33 13.85 6.75
CA ARG D 251 -3.23 12.85 5.68
C ARG D 251 -1.93 13.04 4.92
N LEU D 252 -1.64 14.28 4.56
CA LEU D 252 -0.38 14.59 3.89
C LEU D 252 0.84 14.20 4.73
N LYS D 253 0.84 14.59 6.00
CA LYS D 253 1.90 14.20 6.92
C LYS D 253 2.18 12.69 6.89
N LYS D 254 1.11 11.90 7.06
CA LYS D 254 1.21 10.46 7.12
C LYS D 254 1.86 9.89 5.87
N LEU D 255 1.39 10.34 4.71
CA LEU D 255 1.98 9.93 3.43
C LEU D 255 3.46 10.29 3.36
N LEU D 256 3.79 11.52 3.72
CA LEU D 256 5.17 11.96 3.64
C LEU D 256 6.04 11.20 4.64
N LYS D 257 5.52 11.00 5.85
CA LYS D 257 6.20 10.20 6.85
C LYS D 257 6.51 8.81 6.28
N ASP D 258 5.55 8.21 5.57
CA ASP D 258 5.63 6.80 5.15
C ASP D 258 6.31 6.55 3.81
N HIS D 259 6.19 7.47 2.84
CA HIS D 259 6.62 7.21 1.46
C HIS D 259 7.56 8.24 0.88
N ALA D 260 7.96 9.20 1.72
CA ALA D 260 9.03 10.10 1.35
C ALA D 260 10.27 9.69 2.14
N SER D 261 11.43 10.07 1.65
CA SER D 261 12.68 9.78 2.33
C SER D 261 13.29 11.11 2.71
N SER D 262 13.82 11.18 3.92
CA SER D 262 14.51 12.40 4.35
C SER D 262 15.89 12.38 3.74
N MET D 263 16.56 13.53 3.80
CA MET D 263 17.92 13.63 3.30
C MET D 263 18.67 14.59 4.20
N PRO D 264 20.00 14.55 4.11
CA PRO D 264 20.84 15.50 4.84
C PRO D 264 20.49 16.93 4.43
N ASN D 265 20.54 17.85 5.38
CA ASN D 265 20.26 19.26 5.12
C ASN D 265 18.80 19.50 4.73
N ALA D 266 17.92 18.59 5.15
CA ALA D 266 16.47 18.73 4.99
C ALA D 266 15.95 20.08 5.50
N GLU D 267 16.53 20.56 6.59
CA GLU D 267 16.16 21.83 7.19
C GLU D 267 16.26 22.95 6.17
N SER D 268 17.05 22.74 5.12
CA SER D 268 17.22 23.78 4.13
C SER D 268 16.44 23.53 2.83
N TRP D 269 15.69 22.43 2.76
CA TRP D 269 14.75 22.27 1.63
C TRP D 269 13.52 23.11 1.95
N PRO D 270 13.24 24.12 1.14
CA PRO D 270 12.06 25.00 1.37
C PRO D 270 10.74 24.25 1.22
N VAL D 271 9.66 24.85 1.74
CA VAL D 271 8.30 24.45 1.42
C VAL D 271 7.71 25.58 0.57
N VAL D 272 6.95 25.23 -0.46
CA VAL D 272 6.23 26.23 -1.23
C VAL D 272 4.75 25.90 -1.26
N GLY D 273 3.91 26.89 -0.94
CA GLY D 273 2.47 26.75 -1.10
C GLY D 273 1.98 27.87 -2.01
N GLN D 274 0.99 27.57 -2.84
CA GLN D 274 0.56 28.48 -3.91
C GLN D 274 -0.95 28.28 -4.04
N PHE D 275 -1.72 29.36 -4.00
CA PHE D 275 -3.17 29.28 -3.79
C PHE D 275 -3.84 30.55 -4.24
N SER D 276 -5.15 30.60 -4.11
CA SER D 276 -5.89 31.76 -4.61
C SER D 276 -6.93 32.21 -3.62
N SER D 277 -7.00 31.58 -2.46
CA SER D 277 -7.86 32.10 -1.38
C SER D 277 -7.14 31.94 -0.05
N VAL D 278 -7.33 32.88 0.86
CA VAL D 278 -6.64 32.91 2.15
C VAL D 278 -7.61 32.91 3.35
N GLY D 279 -7.47 31.94 4.26
CA GLY D 279 -8.34 31.88 5.43
C GLY D 279 -7.78 32.79 6.51
N SER D 280 -8.49 32.98 7.64
CA SER D 280 -7.80 33.64 8.77
C SER D 280 -7.01 32.60 9.51
N LEU D 281 -5.73 32.86 9.64
CA LEU D 281 -4.76 31.87 10.05
C LEU D 281 -4.32 32.10 11.48
N GLY D 282 -4.72 33.24 12.04
CA GLY D 282 -4.44 33.51 13.43
C GLY D 282 -3.62 34.75 13.63
N ALA D 283 -3.46 35.15 14.89
CA ALA D 283 -2.86 36.43 15.22
C ALA D 283 -1.37 36.46 14.93
N ASP D 284 -0.77 35.30 14.73
CA ASP D 284 0.62 35.22 14.28
C ASP D 284 0.91 33.88 13.61
N GLU D 285 2.12 33.73 13.09
CA GLU D 285 2.55 32.52 12.42
C GLU D 285 2.64 31.29 13.30
N SER D 286 2.59 31.48 14.62
CA SER D 286 2.73 30.34 15.54
C SER D 286 1.40 29.66 15.84
N LYS D 287 0.29 30.32 15.51
CA LYS D 287 -1.04 29.76 15.78
C LYS D 287 -1.40 28.52 14.93
N TRP D 288 -0.97 28.51 13.66
CA TRP D 288 -1.37 27.44 12.74
C TRP D 288 -0.38 27.26 11.61
N LEU D 289 -0.05 28.37 10.94
CA LEU D 289 0.77 28.32 9.73
C LEU D 289 2.14 27.67 9.94
N CYS D 290 2.91 28.22 10.86
CA CYS D 290 4.27 27.72 11.05
C CYS D 290 4.35 26.68 12.15
N SER D 291 3.21 26.34 12.76
CA SER D 291 3.19 25.22 13.70
C SER D 291 2.60 23.97 13.03
N GLU D 292 1.30 23.73 13.15
CA GLU D 292 0.74 22.50 12.61
C GLU D 292 0.82 22.31 11.07
N PHE D 293 0.47 23.34 10.30
CA PHE D 293 0.54 23.26 8.85
C PHE D 293 1.94 22.97 8.27
N LYS D 294 2.89 23.88 8.50
CA LYS D 294 4.27 23.66 8.04
C LYS D 294 4.88 22.39 8.66
N GLU D 295 4.47 22.07 9.88
CA GLU D 295 4.97 20.85 10.53
C GLU D 295 4.56 19.62 9.73
N SER D 296 3.32 19.62 9.21
CA SER D 296 2.89 18.53 8.34
C SER D 296 3.66 18.54 7.01
N MET D 297 3.80 19.71 6.40
CA MET D 297 4.45 19.80 5.10
C MET D 297 5.97 19.63 5.07
N LEU D 298 6.64 19.83 6.19
CA LEU D 298 8.08 19.62 6.22
C LEU D 298 8.46 18.19 6.64
N THR D 299 7.46 17.38 6.95
CA THR D 299 7.69 15.95 7.21
C THR D 299 8.28 15.25 5.98
N LEU D 300 9.34 14.49 6.20
CA LEU D 300 9.98 13.67 5.16
C LEU D 300 10.56 12.43 5.79
N GLY D 301 9.90 11.28 5.64
CA GLY D 301 10.42 10.04 6.19
C GLY D 301 10.27 9.94 7.70
N VAL D 312 13.09 26.02 8.37
CA VAL D 312 12.71 25.69 6.99
C VAL D 312 11.98 26.87 6.36
N PRO D 313 12.54 27.38 5.26
CA PRO D 313 11.98 28.55 4.57
C PRO D 313 10.60 28.20 3.99
N LEU D 314 9.65 29.10 4.15
CA LEU D 314 8.32 28.95 3.60
C LEU D 314 8.02 30.05 2.56
N TYR D 315 7.80 29.63 1.32
CA TYR D 315 7.45 30.55 0.22
C TYR D 315 5.97 30.40 -0.06
N LEU D 316 5.21 31.49 0.05
CA LEU D 316 3.81 31.46 -0.35
C LEU D 316 3.62 32.35 -1.57
N ILE D 317 3.00 31.77 -2.61
CA ILE D 317 2.75 32.48 -3.85
C ILE D 317 1.28 32.85 -3.90
N TYR D 318 1.01 34.14 -4.05
CA TYR D 318 -0.32 34.67 -4.12
C TYR D 318 -0.22 36.02 -4.86
N PRO D 319 -1.08 36.24 -5.86
CA PRO D 319 -1.03 37.41 -6.73
C PRO D 319 -1.10 38.75 -6.02
N SER D 320 -0.14 39.61 -6.33
CA SER D 320 -0.12 40.98 -5.85
C SER D 320 -1.17 41.77 -6.62
N VAL D 321 -1.47 42.98 -6.14
CA VAL D 321 -2.34 43.85 -6.89
C VAL D 321 -1.85 44.09 -8.33
N GLU D 322 -0.55 44.27 -8.53
CA GLU D 322 -0.02 44.52 -9.86
C GLU D 322 -0.10 43.28 -10.80
N ASN D 323 0.03 42.08 -10.23
CA ASN D 323 -0.17 40.86 -10.98
C ASN D 323 -1.57 40.90 -11.61
N VAL D 324 -2.55 41.26 -10.77
CA VAL D 324 -3.94 41.27 -11.20
C VAL D 324 -4.23 42.37 -12.21
N ARG D 325 -3.77 43.58 -11.88
CA ARG D 325 -4.01 44.74 -12.74
C ARG D 325 -3.47 44.48 -14.17
N THR D 326 -2.30 43.87 -14.25
CA THR D 326 -1.68 43.70 -15.56
C THR D 326 -2.03 42.37 -16.22
N SER D 327 -2.98 41.61 -15.68
CA SER D 327 -3.25 40.28 -16.19
C SER D 327 -4.14 40.36 -17.40
N LEU D 328 -4.27 39.22 -18.08
CA LEU D 328 -5.12 39.09 -19.28
C LEU D 328 -6.54 39.59 -19.04
N GLU D 329 -7.07 39.34 -17.83
CA GLU D 329 -8.46 39.67 -17.50
C GLU D 329 -8.53 41.03 -16.87
N GLY D 330 -7.39 41.49 -16.39
CA GLY D 330 -7.33 42.69 -15.57
C GLY D 330 -8.06 42.51 -14.25
N TYR D 331 -8.59 43.61 -13.73
CA TYR D 331 -9.12 43.59 -12.37
C TYR D 331 -10.16 42.50 -12.07
N PRO D 332 -11.01 42.14 -13.04
CA PRO D 332 -11.97 41.04 -12.82
C PRO D 332 -11.31 39.73 -12.42
N ALA D 333 -10.05 39.52 -12.78
CA ALA D 333 -9.39 38.30 -12.34
C ALA D 333 -9.51 38.27 -10.82
N GLY D 334 -9.61 39.47 -10.23
CA GLY D 334 -9.70 39.58 -8.79
C GLY D 334 -10.95 38.96 -8.16
N GLY D 335 -11.99 38.73 -8.96
CA GLY D 335 -13.22 38.12 -8.45
C GLY D 335 -13.01 36.67 -8.01
N SER D 336 -11.96 36.04 -8.49
CA SER D 336 -11.67 34.65 -8.20
C SER D 336 -10.49 34.57 -7.26
N LEU D 337 -10.15 35.70 -6.63
CA LEU D 337 -9.12 35.76 -5.59
C LEU D 337 -9.71 36.46 -4.37
N PRO D 338 -10.64 35.79 -3.68
CA PRO D 338 -11.54 36.46 -2.74
C PRO D 338 -10.94 36.71 -1.34
N TYR D 339 -9.70 37.20 -1.26
CA TYR D 339 -9.07 37.58 0.02
C TYR D 339 -9.64 38.95 0.44
N SER D 340 -10.26 39.01 1.62
CA SER D 340 -11.00 40.22 2.04
C SER D 340 -10.18 41.09 2.97
N ILE D 341 -10.45 42.40 3.00
CA ILE D 341 -9.75 43.28 3.96
C ILE D 341 -10.01 42.83 5.41
N GLN D 342 -11.24 42.44 5.71
CA GLN D 342 -11.59 41.95 7.05
C GLN D 342 -10.63 40.88 7.53
N THR D 343 -10.39 39.90 6.68
CA THR D 343 -9.44 38.85 7.02
C THR D 343 -8.01 39.38 7.00
N ALA D 344 -7.69 40.13 5.95
CA ALA D 344 -6.33 40.62 5.74
C ALA D 344 -5.78 41.48 6.89
N GLU D 345 -6.63 42.36 7.44
CA GLU D 345 -6.17 43.26 8.47
C GLU D 345 -5.90 42.54 9.79
N LYS D 346 -6.44 41.34 9.96
CA LYS D 346 -6.18 40.53 11.16
C LYS D 346 -4.83 39.84 11.13
N GLN D 347 -4.13 39.91 10.00
CA GLN D 347 -2.93 39.08 9.85
C GLN D 347 -1.91 39.68 8.86
N ASN D 348 -1.61 40.96 9.02
CA ASN D 348 -0.57 41.60 8.24
C ASN D 348 0.72 40.81 8.26
N TRP D 349 1.01 40.15 9.38
CA TRP D 349 2.23 39.36 9.52
C TRP D 349 2.43 38.33 8.36
N LEU D 350 1.32 37.80 7.85
CA LEU D 350 1.39 36.74 6.84
C LEU D 350 2.00 37.25 5.54
N HIS D 351 1.83 38.54 5.28
CA HIS D 351 2.16 39.09 3.98
C HIS D 351 3.67 39.19 3.70
N SER D 352 4.49 39.06 4.74
CA SER D 352 5.93 39.06 4.52
C SER D 352 6.40 37.71 3.96
N TYR D 353 5.48 36.75 3.90
CA TYR D 353 5.76 35.44 3.28
C TYR D 353 5.39 35.43 1.80
N PHE D 354 4.70 36.48 1.34
CA PHE D 354 4.11 36.46 0.01
C PHE D 354 5.08 36.73 -1.12
N HIS D 355 4.94 35.92 -2.17
CA HIS D 355 5.71 36.07 -3.39
C HIS D 355 4.74 36.22 -4.56
N LYS D 356 5.20 36.95 -5.57
CA LYS D 356 4.44 37.28 -6.75
C LYS D 356 4.17 36.04 -7.56
N TRP D 357 3.07 36.07 -8.31
CA TRP D 357 2.82 35.08 -9.33
C TRP D 357 3.71 35.35 -10.54
N SER D 358 4.42 34.32 -10.98
CA SER D 358 5.27 34.43 -12.17
C SER D 358 5.37 33.07 -12.83
N ALA D 359 5.22 33.02 -14.14
CA ALA D 359 5.08 31.74 -14.79
C ALA D 359 5.56 31.82 -16.22
N GLU D 360 6.69 32.49 -16.41
CA GLU D 360 7.39 32.51 -17.70
C GLU D 360 7.57 31.11 -18.27
N THR D 361 7.92 30.16 -17.40
CA THR D 361 8.11 28.77 -17.85
C THR D 361 6.95 28.20 -18.65
N SER D 362 5.75 28.68 -18.38
CA SER D 362 4.55 28.19 -19.05
C SER D 362 3.81 29.30 -19.80
N GLY D 363 4.45 30.46 -19.99
CA GLY D 363 3.86 31.58 -20.71
C GLY D 363 2.61 32.11 -20.04
N ARG D 364 2.55 31.94 -18.72
CA ARG D 364 1.32 32.20 -17.98
C ARG D 364 1.43 33.26 -16.85
N SER D 365 2.45 34.11 -16.94
CA SER D 365 2.64 35.16 -15.95
C SER D 365 1.40 36.08 -15.87
N ASN D 366 0.66 36.20 -16.97
CA ASN D 366 -0.54 37.05 -17.02
C ASN D 366 -1.85 36.26 -16.99
N ALA D 367 -1.78 34.97 -16.71
CA ALA D 367 -2.99 34.17 -16.49
C ALA D 367 -3.10 33.87 -15.00
N MET D 368 -3.91 34.65 -14.28
CA MET D 368 -3.96 34.58 -12.83
C MET D 368 -4.23 33.15 -12.35
N PRO D 369 -3.55 32.74 -11.29
CA PRO D 369 -3.68 31.36 -10.83
C PRO D 369 -4.99 31.14 -10.08
N HIS D 370 -5.69 30.09 -10.45
CA HIS D 370 -6.75 29.52 -9.66
C HIS D 370 -6.35 28.07 -9.30
N ILE D 371 -5.28 27.57 -9.93
CA ILE D 371 -4.65 26.32 -9.49
C ILE D 371 -4.12 26.49 -8.05
N LYS D 372 -3.97 25.38 -7.31
CA LYS D 372 -3.34 25.42 -6.00
C LYS D 372 -2.30 24.31 -5.95
N THR D 373 -1.11 24.61 -5.46
CA THR D 373 -0.06 23.60 -5.40
C THR D 373 0.79 23.79 -4.17
N TYR D 374 1.40 22.70 -3.79
CA TYR D 374 2.30 22.70 -2.67
C TYR D 374 3.42 21.77 -3.07
N MET D 375 4.66 22.08 -2.70
CA MET D 375 5.75 21.24 -3.08
C MET D 375 6.97 21.48 -2.19
N ARG D 376 7.96 20.60 -2.31
CA ARG D 376 9.11 20.65 -1.42
C ARG D 376 10.42 20.68 -2.19
N PRO D 377 10.84 21.84 -2.64
CA PRO D 377 12.03 21.94 -3.50
C PRO D 377 13.33 21.77 -2.72
N SER D 378 14.41 21.42 -3.42
CA SER D 378 15.74 21.43 -2.84
C SER D 378 16.20 22.90 -2.70
N PRO D 379 17.30 23.14 -1.98
CA PRO D 379 17.76 24.52 -1.74
C PRO D 379 18.04 25.34 -3.03
N ASP D 380 18.42 24.69 -4.14
CA ASP D 380 18.63 25.45 -5.36
C ASP D 380 17.46 25.36 -6.33
N PHE D 381 16.35 24.76 -5.88
CA PHE D 381 15.10 24.65 -6.65
C PHE D 381 15.22 23.80 -7.92
N SER D 382 16.30 23.02 -8.01
CA SER D 382 16.52 22.19 -9.19
C SER D 382 15.75 20.87 -9.08
N LYS D 383 15.41 20.47 -7.87
CA LYS D 383 14.61 19.27 -7.73
C LYS D 383 13.57 19.39 -6.64
N ILE D 384 12.67 18.41 -6.59
CA ILE D 384 11.63 18.40 -5.58
C ILE D 384 11.42 17.00 -4.98
N ALA D 385 11.12 16.97 -3.70
CA ALA D 385 10.86 15.73 -3.00
C ALA D 385 9.41 15.25 -3.20
N TRP D 386 8.54 16.15 -3.61
CA TRP D 386 7.14 15.84 -3.88
C TRP D 386 6.43 17.05 -4.46
N PHE D 387 5.27 16.83 -5.07
CA PHE D 387 4.45 17.91 -5.63
C PHE D 387 3.02 17.53 -5.41
N LEU D 388 2.20 18.49 -4.99
CA LEU D 388 0.79 18.26 -4.78
C LEU D 388 -0.03 19.24 -5.61
N VAL D 389 -1.02 18.75 -6.36
CA VAL D 389 -2.00 19.64 -6.95
C VAL D 389 -3.33 19.33 -6.29
N THR D 390 -4.04 20.37 -5.86
CA THR D 390 -5.24 20.19 -5.06
C THR D 390 -6.21 21.36 -5.21
N SER D 391 -7.45 21.15 -4.79
CA SER D 391 -8.41 22.24 -4.70
C SER D 391 -8.19 23.03 -3.40
N ALA D 392 -7.42 22.48 -2.47
CA ALA D 392 -7.27 23.14 -1.16
C ALA D 392 -6.49 24.47 -1.21
N ASN D 393 -7.16 25.55 -0.87
CA ASN D 393 -6.49 26.84 -0.68
C ASN D 393 -5.81 26.95 0.69
N LEU D 394 -5.23 28.12 0.99
CA LEU D 394 -4.52 28.25 2.25
C LEU D 394 -5.49 28.68 3.38
N SER D 395 -6.27 27.73 3.86
CA SER D 395 -7.21 28.00 4.95
C SER D 395 -7.28 26.79 5.90
N LYS D 396 -7.53 27.05 7.18
CA LYS D 396 -7.84 25.97 8.12
C LYS D 396 -9.10 25.23 7.68
N ALA D 397 -10.05 25.95 7.07
CA ALA D 397 -11.27 25.32 6.56
C ALA D 397 -10.96 24.13 5.69
N ALA D 398 -9.98 24.30 4.79
CA ALA D 398 -9.64 23.32 3.77
C ALA D 398 -8.68 22.27 4.26
N TRP D 399 -7.77 22.70 5.12
CA TRP D 399 -6.66 21.84 5.53
C TRP D 399 -6.85 21.16 6.88
N GLY D 400 -7.66 21.76 7.74
CA GLY D 400 -7.89 21.25 9.07
C GLY D 400 -7.17 22.04 10.17
N ALA D 401 -7.80 22.11 11.33
CA ALA D 401 -7.16 22.76 12.48
C ALA D 401 -7.34 21.87 13.68
N LEU D 402 -6.25 21.61 14.40
CA LEU D 402 -6.30 20.79 15.61
C LEU D 402 -7.11 21.46 16.73
N GLU D 403 -8.00 20.69 17.35
CA GLU D 403 -8.86 21.13 18.46
C GLU D 403 -8.67 20.14 19.60
N LYS D 404 -9.31 20.40 20.73
CA LYS D 404 -9.29 19.49 21.88
C LYS D 404 -7.88 19.13 22.26
N ASN D 405 -7.04 20.14 22.46
CA ASN D 405 -5.67 19.95 22.91
C ASN D 405 -4.85 19.01 21.99
N GLY D 406 -4.92 19.24 20.68
CA GLY D 406 -4.11 18.48 19.71
C GLY D 406 -4.55 17.06 19.37
N THR D 407 -5.77 16.67 19.74
CA THR D 407 -6.21 15.29 19.51
C THR D 407 -7.26 15.20 18.42
N GLN D 408 -7.80 16.33 18.03
CA GLN D 408 -8.89 16.33 17.08
C GLN D 408 -8.63 17.29 15.92
N LEU D 409 -8.60 16.77 14.69
CA LEU D 409 -8.48 17.62 13.51
C LEU D 409 -9.86 18.02 13.04
N MET D 410 -10.14 19.31 12.99
CA MET D 410 -11.45 19.75 12.53
C MET D 410 -11.33 20.34 11.12
N ILE D 411 -12.23 19.90 10.23
CA ILE D 411 -12.19 20.33 8.84
C ILE D 411 -13.57 20.77 8.48
N ARG D 412 -13.68 21.91 7.81
CA ARG D 412 -15.00 22.42 7.44
C ARG D 412 -15.44 21.99 6.05
N SER D 413 -14.47 21.73 5.18
CA SER D 413 -14.78 21.61 3.75
C SER D 413 -14.44 20.27 3.10
N TYR D 414 -14.97 20.07 1.91
CA TYR D 414 -14.56 19.00 1.02
C TYR D 414 -13.50 19.59 0.10
N GLU D 415 -12.35 18.94 0.05
CA GLU D 415 -11.26 19.29 -0.86
C GLU D 415 -10.68 17.97 -1.44
N LEU D 416 -9.97 18.06 -2.56
CA LEU D 416 -9.32 16.89 -3.17
C LEU D 416 -8.11 17.26 -4.02
N GLY D 417 -7.05 16.49 -3.87
CA GLY D 417 -5.82 16.72 -4.60
C GLY D 417 -5.12 15.40 -4.84
N VAL D 418 -4.06 15.40 -5.66
CA VAL D 418 -3.28 14.20 -5.88
C VAL D 418 -1.83 14.53 -5.59
N LEU D 419 -1.17 13.63 -4.85
CA LEU D 419 0.20 13.82 -4.46
C LEU D 419 1.13 12.98 -5.34
N PHE D 420 2.14 13.63 -5.92
CA PHE D 420 3.16 12.96 -6.70
C PHE D 420 4.40 12.72 -5.85
N LEU D 421 4.73 11.45 -5.64
CA LEU D 421 5.83 11.07 -4.76
C LEU D 421 6.86 10.29 -5.59
N PRO D 422 8.12 10.71 -5.56
CA PRO D 422 9.14 10.00 -6.33
C PRO D 422 9.15 8.51 -6.05
N SER D 423 8.91 8.12 -4.79
CA SER D 423 8.88 6.68 -4.45
C SER D 423 7.85 5.89 -5.26
N ALA D 424 6.81 6.57 -5.77
CA ALA D 424 5.78 5.86 -6.55
C ALA D 424 6.23 5.53 -7.97
N LEU D 425 7.32 6.16 -8.40
CA LEU D 425 7.92 5.82 -9.68
C LEU D 425 9.32 5.17 -9.49
N GLY D 426 9.62 4.82 -8.24
CA GLY D 426 10.92 4.25 -7.90
C GLY D 426 12.08 5.25 -7.78
N LEU D 427 11.76 6.52 -7.51
CA LEU D 427 12.79 7.56 -7.48
C LEU D 427 12.92 8.15 -6.09
N ASP D 428 13.97 8.92 -5.89
CA ASP D 428 14.13 9.63 -4.62
C ASP D 428 13.74 11.10 -4.70
N SER D 429 13.80 11.66 -5.91
CA SER D 429 13.32 13.03 -6.13
C SER D 429 12.99 13.21 -7.60
N PHE D 430 12.22 14.25 -7.92
CA PHE D 430 11.97 14.62 -9.31
C PHE D 430 12.87 15.78 -9.66
N LYS D 431 13.43 15.76 -10.88
CA LYS D 431 14.15 16.92 -11.37
C LYS D 431 13.10 17.90 -11.84
N VAL D 432 13.28 19.17 -11.53
CA VAL D 432 12.33 20.16 -11.94
C VAL D 432 12.49 20.43 -13.43
N LYS D 433 11.38 20.44 -14.17
CA LYS D 433 11.43 20.70 -15.59
C LYS D 433 11.46 22.21 -15.84
N GLN D 434 12.59 22.72 -16.32
CA GLN D 434 12.84 24.16 -16.40
C GLN D 434 11.96 24.94 -17.39
N LYS D 435 11.42 24.26 -18.39
CA LYS D 435 10.49 24.90 -19.29
C LYS D 435 9.28 23.98 -19.43
N PHE D 436 8.13 24.46 -18.96
CA PHE D 436 6.96 23.61 -18.84
C PHE D 436 6.61 22.81 -20.09
N PHE D 437 6.70 23.46 -21.25
CA PHE D 437 6.34 22.84 -22.53
C PHE D 437 7.55 22.34 -23.32
N ALA D 445 10.88 11.45 -16.14
CA ALA D 445 10.72 11.76 -14.70
C ALA D 445 11.32 13.11 -14.28
N THR D 446 11.06 14.14 -15.09
CA THR D 446 11.24 15.49 -14.63
C THR D 446 9.85 16.14 -14.52
N PHE D 447 9.56 16.67 -13.34
CA PHE D 447 8.25 17.19 -13.04
C PHE D 447 8.00 18.62 -13.58
N PRO D 448 6.92 18.77 -14.34
CA PRO D 448 6.53 20.07 -14.89
C PRO D 448 5.93 21.04 -13.87
N VAL D 449 6.79 21.73 -13.11
CA VAL D 449 6.32 22.78 -12.21
C VAL D 449 5.82 23.91 -13.09
N PRO D 450 4.55 24.29 -12.92
CA PRO D 450 3.91 25.24 -13.85
C PRO D 450 4.32 26.72 -13.74
N TYR D 451 5.02 27.10 -12.67
CA TYR D 451 5.40 28.51 -12.44
C TYR D 451 6.88 28.63 -12.12
N ASP D 452 7.41 29.84 -12.08
CA ASP D 452 8.86 30.00 -12.05
C ASP D 452 9.42 29.82 -10.66
N LEU D 453 10.67 29.34 -10.63
CA LEU D 453 11.45 29.20 -9.43
C LEU D 453 12.79 29.93 -9.64
N PRO D 454 13.37 30.50 -8.59
CA PRO D 454 12.76 30.52 -7.25
C PRO D 454 11.65 31.57 -7.27
N PRO D 455 10.69 31.54 -6.36
CA PRO D 455 9.61 32.52 -6.36
C PRO D 455 10.16 33.90 -6.00
N GLU D 456 9.54 34.97 -6.51
CA GLU D 456 10.03 36.31 -6.26
C GLU D 456 9.24 37.01 -5.17
N LEU D 457 9.92 37.47 -4.13
CA LEU D 457 9.25 38.09 -3.01
C LEU D 457 8.55 39.37 -3.48
N TYR D 458 7.46 39.77 -2.84
CA TYR D 458 6.81 41.03 -3.18
C TYR D 458 7.82 42.20 -3.04
N GLY D 459 7.75 43.18 -3.92
CA GLY D 459 8.50 44.42 -3.75
C GLY D 459 7.92 45.22 -2.59
N SER D 460 8.60 46.29 -2.19
CA SER D 460 8.15 47.06 -1.02
C SER D 460 6.88 47.88 -1.30
N LYS D 461 6.55 48.08 -2.58
CA LYS D 461 5.32 48.77 -2.97
C LYS D 461 4.17 47.80 -3.31
N ASP D 462 4.48 46.50 -3.37
CA ASP D 462 3.50 45.47 -3.70
C ASP D 462 2.59 45.19 -2.51
N ARG D 463 1.33 44.88 -2.82
CA ARG D 463 0.36 44.43 -1.83
C ARG D 463 -0.36 43.19 -2.35
N PRO D 464 -0.81 42.34 -1.43
CA PRO D 464 -1.62 41.19 -1.80
C PRO D 464 -2.89 41.66 -2.46
N TRP D 465 -3.37 40.97 -3.48
CA TRP D 465 -4.68 41.29 -4.00
C TRP D 465 -5.74 41.11 -2.90
N ILE D 466 -6.53 42.15 -2.66
CA ILE D 466 -7.61 42.11 -1.68
C ILE D 466 -8.84 42.55 -2.42
N TRP D 467 -9.88 41.73 -2.42
CA TRP D 467 -10.95 41.94 -3.38
C TRP D 467 -11.97 43.02 -3.08
N ASN D 468 -12.13 43.38 -1.81
CA ASN D 468 -13.22 44.26 -1.46
C ASN D 468 -12.79 45.67 -1.06
N ILE D 469 -11.65 46.12 -1.56
CA ILE D 469 -11.26 47.51 -1.45
C ILE D 469 -10.98 48.01 -2.87
N PRO D 470 -11.02 49.32 -3.07
CA PRO D 470 -10.92 49.89 -4.42
C PRO D 470 -9.47 50.03 -4.92
N TYR D 471 -9.30 49.91 -6.23
CA TYR D 471 -8.03 50.19 -6.86
C TYR D 471 -8.31 51.18 -7.96
N VAL D 472 -7.93 52.44 -7.72
CA VAL D 472 -8.21 53.55 -8.61
C VAL D 472 -6.97 54.35 -8.98
N LYS D 473 -5.78 53.82 -8.69
CA LYS D 473 -4.55 54.55 -9.01
C LYS D 473 -4.11 54.38 -10.45
N ALA D 474 -4.34 53.18 -10.98
CA ALA D 474 -3.88 52.81 -12.31
C ALA D 474 -4.86 51.81 -12.88
N PRO D 475 -5.14 51.93 -14.16
CA PRO D 475 -6.15 51.11 -14.83
C PRO D 475 -5.59 49.76 -15.26
N ASP D 476 -6.48 48.82 -15.51
CA ASP D 476 -6.08 47.47 -15.84
C ASP D 476 -5.92 47.33 -17.34
N THR D 477 -5.58 46.13 -17.79
CA THR D 477 -5.33 45.90 -19.21
C THR D 477 -6.53 46.16 -20.13
N HIS D 478 -7.71 46.32 -19.56
CA HIS D 478 -8.92 46.62 -20.33
C HIS D 478 -9.34 48.11 -20.20
N GLY D 479 -8.54 48.91 -19.49
CA GLY D 479 -8.82 50.31 -19.31
C GLY D 479 -9.76 50.60 -18.14
N ASN D 480 -10.00 49.61 -17.28
CA ASN D 480 -10.87 49.77 -16.13
C ASN D 480 -10.16 49.95 -14.79
N MET D 481 -10.91 50.47 -13.80
CA MET D 481 -10.47 50.53 -12.41
C MET D 481 -11.37 49.62 -11.63
N TRP D 482 -11.17 49.54 -10.32
CA TRP D 482 -11.86 48.55 -9.50
C TRP D 482 -12.49 49.21 -8.30
N VAL D 483 -13.83 49.22 -8.25
CA VAL D 483 -14.58 49.82 -7.15
C VAL D 483 -15.72 48.91 -6.69
N PRO D 484 -15.47 48.12 -5.66
CA PRO D 484 -16.44 47.12 -5.16
C PRO D 484 -17.54 47.72 -4.28
V VO4 E . 12.37 -26.54 10.55
O1 VO4 E . 10.88 -26.58 10.81
O3 VO4 E . 12.90 -26.55 9.12
N1 SPM F . 15.77 -50.32 17.92
C2 SPM F . 15.49 -48.88 18.01
C3 SPM F . 16.07 -48.15 16.82
C4 SPM F . 16.57 -46.75 17.17
N5 SPM F . 15.80 -45.72 16.48
C6 SPM F . 15.94 -44.32 16.82
C7 SPM F . 16.99 -43.64 15.96
C8 SPM F . 16.79 -42.14 15.93
C9 SPM F . 17.62 -41.42 16.99
N10 SPM F . 17.88 -40.03 16.61
C2 OTS G . 15.73 -30.01 10.99
C3 OTS G . 14.69 -29.17 10.58
C4 OTS G . 13.43 -29.30 11.16
O4 OTS G . 12.44 -28.49 10.77
C5 OTS G . 13.22 -30.27 12.15
C6 OTS G . 14.26 -31.12 12.55
C1 OTS G . 15.51 -30.98 11.96
C7 OTS G . 16.66 -31.90 12.41
O7 OTS G . 17.70 -31.10 13.00
C8 OTS G . 17.26 -32.59 11.18
N8 OTS G . 16.58 -33.87 10.95
V VO4 H . -12.32 28.01 -5.11
O1 VO4 H . -10.83 28.13 -5.11
O3 VO4 H . -13.10 27.42 -6.25
C2 OTS I . -15.75 31.15 -6.38
C3 OTS I . -14.67 30.23 -6.34
C4 OTS I . -13.37 30.69 -6.15
O4 OTS I . -12.33 29.81 -6.11
C5 OTS I . -13.11 32.04 -6.03
C6 OTS I . -14.17 32.95 -6.08
C1 OTS I . -15.50 32.52 -6.25
C7 OTS I . -16.63 33.60 -6.30
O7 OTS I . -17.24 33.75 -5.00
C8 OTS I . -17.74 33.18 -7.23
N8 OTS I . -17.55 33.87 -8.53
#